data_6PHR
#
_entry.id   6PHR
#
_cell.length_a   45.874
_cell.length_b   120.680
_cell.length_c   65.360
_cell.angle_alpha   90.00
_cell.angle_beta   109.09
_cell.angle_gamma   90.00
#
_symmetry.space_group_name_H-M   'P 1 21 1'
#
loop_
_entity.id
_entity.type
_entity.pdbx_description
1 polymer 'Acetylpolyamine amidohydrolase'
2 non-polymer '2-(N-MORPHOLINO)-ETHANESULFONIC ACID'
3 non-polymer 5-[(3-aminopropyl)amino]pentane-1-thiol
4 non-polymer 'ZINC ION'
5 non-polymer 'MAGNESIUM ION'
6 non-polymer 'POTASSIUM ION'
7 water water
#
_entity_poly.entity_id   1
_entity_poly.type   'polypeptide(L)'
_entity_poly.pdbx_seq_one_letter_code
;GPLGSMKTVFSPLHSRRHVKTELDGGLLIEPHEKPSRAETILARVKDQALGEILEPEEFGLGPVKRVHTADYVSFLETCW
DEWVAAGKRGEAIPTFWVGRGMRARLPKDIDGRLGYYSLGADTSISDGTWEAARASANVALTAQKLVAEGERAAFALCRP
PGHHAHADVFGGYCFFNNAAIAAQAFRDQGYGKVAVLDVDFHHGNGTQAIFYDRSDVLTISLHGDPDLVFPHFLGFEDET
GEGDGEAYNLNIVFPPDTPFSIWSQGLEKACERIRTFAPDALVVALGVDTFEEDPISFFKLTSGDYLKLGKRLEQLGLPT
VFTMEGGYDVDAIGVNAVNVMQGFEGKS
;
_entity_poly.pdbx_strand_id   A,B
#
# COMPACT_ATOMS: atom_id res chain seq x y z
N LEU A 3 21.91 12.42 42.13
CA LEU A 3 21.12 12.09 40.93
C LEU A 3 19.80 11.38 41.30
N GLY A 4 18.72 11.72 40.61
CA GLY A 4 17.43 11.12 40.87
C GLY A 4 17.38 9.67 40.42
N SER A 5 16.25 9.05 40.71
CA SER A 5 15.99 7.69 40.25
C SER A 5 14.73 7.69 39.39
N MET A 6 14.69 6.76 38.44
CA MET A 6 13.47 6.60 37.65
C MET A 6 13.23 5.11 37.47
N LYS A 7 11.98 4.69 37.65
CA LYS A 7 11.61 3.30 37.48
C LYS A 7 11.38 2.98 36.00
N THR A 8 11.69 1.75 35.62
CA THR A 8 11.52 1.23 34.27
C THR A 8 10.58 0.03 34.31
N VAL A 9 9.64 -0.03 33.37
CA VAL A 9 8.77 -1.18 33.19
C VAL A 9 9.26 -1.94 31.97
N PHE A 10 9.43 -3.26 32.10
CA PHE A 10 9.97 -4.10 31.03
C PHE A 10 9.29 -5.46 31.06
N SER A 11 8.90 -5.95 29.89
CA SER A 11 8.35 -7.30 29.82
C SER A 11 9.24 -8.19 28.96
N PRO A 12 9.66 -9.34 29.49
CA PRO A 12 10.40 -10.30 28.64
C PRO A 12 9.56 -10.84 27.50
N LEU A 13 8.25 -10.61 27.51
CA LEU A 13 7.38 -11.08 26.44
C LEU A 13 7.59 -10.33 25.13
N HIS A 14 8.32 -9.21 25.14
CA HIS A 14 8.65 -8.56 23.88
C HIS A 14 9.31 -9.54 22.92
N SER A 15 10.11 -10.49 23.44
CA SER A 15 10.83 -11.43 22.58
C SER A 15 9.90 -12.38 21.82
N ARG A 16 8.61 -12.42 22.16
CA ARG A 16 7.68 -13.21 21.36
C ARG A 16 7.58 -12.67 19.94
N ARG A 17 7.82 -11.38 19.74
CA ARG A 17 7.93 -10.84 18.39
C ARG A 17 9.37 -10.98 17.94
N HIS A 18 9.63 -11.93 17.03
CA HIS A 18 11.00 -12.12 16.53
C HIS A 18 10.87 -12.53 15.07
N VAL A 19 10.54 -11.56 14.24
CA VAL A 19 10.27 -11.85 12.83
C VAL A 19 11.58 -12.02 12.07
N LYS A 20 11.51 -12.74 10.96
CA LYS A 20 12.71 -13.04 10.20
C LYS A 20 12.93 -12.16 8.99
N THR A 21 11.88 -11.47 8.50
CA THR A 21 11.96 -10.76 7.23
C THR A 21 11.40 -9.35 7.35
N GLU A 22 12.03 -8.44 6.61
CA GLU A 22 11.55 -7.07 6.43
C GLU A 22 11.75 -6.67 4.98
N LEU A 23 10.69 -6.22 4.32
CA LEU A 23 10.83 -5.69 2.96
C LEU A 23 11.58 -4.36 2.98
N ASP A 24 12.70 -4.30 2.25
CA ASP A 24 13.54 -3.11 2.24
C ASP A 24 14.26 -3.04 0.91
N GLY A 25 14.05 -1.96 0.15
CA GLY A 25 14.76 -1.79 -1.10
C GLY A 25 14.55 -2.91 -2.08
N GLY A 26 13.36 -3.51 -2.09
CA GLY A 26 13.03 -4.60 -3.00
C GLY A 26 13.55 -5.95 -2.59
N LEU A 27 14.11 -6.07 -1.38
CA LEU A 27 14.66 -7.33 -0.88
C LEU A 27 14.03 -7.64 0.46
N LEU A 28 14.09 -8.92 0.85
CA LEU A 28 13.71 -9.31 2.21
C LEU A 28 14.98 -9.37 3.05
N ILE A 29 15.07 -8.52 4.07
CA ILE A 29 16.25 -8.45 4.89
C ILE A 29 15.91 -8.83 6.34
N GLU A 30 16.98 -8.94 7.15
CA GLU A 30 16.81 -9.08 8.58
C GLU A 30 16.17 -7.81 9.13
N PRO A 31 15.14 -7.90 9.96
CA PRO A 31 14.45 -6.69 10.42
C PRO A 31 15.32 -5.81 11.28
N HIS A 32 15.05 -4.50 11.19
CA HIS A 32 15.73 -3.53 12.04
C HIS A 32 15.22 -3.56 13.47
N GLU A 33 13.93 -3.81 13.66
CA GLU A 33 13.32 -3.70 14.98
C GLU A 33 13.42 -5.06 15.66
N LYS A 34 14.62 -5.35 16.17
CA LYS A 34 14.95 -6.70 16.61
C LYS A 34 14.96 -6.79 18.14
N PRO A 35 14.77 -7.99 18.69
CA PRO A 35 14.71 -8.14 20.15
C PRO A 35 15.91 -7.61 20.90
N SER A 36 17.10 -7.66 20.30
CA SER A 36 18.27 -7.14 21.00
C SER A 36 18.14 -5.65 21.34
N ARG A 37 17.27 -4.89 20.65
CA ARG A 37 17.10 -3.48 21.01
C ARG A 37 16.66 -3.32 22.45
N ALA A 38 15.62 -4.06 22.85
CA ALA A 38 15.12 -3.94 24.21
C ALA A 38 16.11 -4.52 25.21
N GLU A 39 16.77 -5.62 24.85
CA GLU A 39 17.73 -6.24 25.76
C GLU A 39 18.92 -5.34 26.00
N THR A 40 19.35 -4.60 24.97
CA THR A 40 20.47 -3.65 25.13
C THR A 40 20.08 -2.50 26.02
N ILE A 41 18.88 -1.95 25.84
CA ILE A 41 18.42 -0.86 26.70
C ILE A 41 18.30 -1.36 28.13
N LEU A 42 17.69 -2.54 28.31
CA LEU A 42 17.53 -3.09 29.66
C LEU A 42 18.87 -3.22 30.36
N ALA A 43 19.87 -3.73 29.63
CA ALA A 43 21.17 -3.96 30.24
C ALA A 43 21.81 -2.66 30.69
N ARG A 44 21.60 -1.57 29.92
CA ARG A 44 22.13 -0.27 30.33
C ARG A 44 21.35 0.30 31.52
N VAL A 45 20.03 0.07 31.58
CA VAL A 45 19.27 0.50 32.76
C VAL A 45 19.85 -0.14 34.02
N LYS A 46 20.19 -1.43 33.94
CA LYS A 46 20.75 -2.14 35.09
C LYS A 46 22.16 -1.63 35.38
N ASP A 47 22.97 -1.53 34.33
CA ASP A 47 24.35 -1.07 34.48
C ASP A 47 24.43 0.28 35.19
N GLN A 48 23.55 1.20 34.85
CA GLN A 48 23.55 2.54 35.39
C GLN A 48 22.73 2.67 36.66
N ALA A 49 22.16 1.57 37.15
CA ALA A 49 21.28 1.57 38.31
C ALA A 49 20.28 2.73 38.26
N LEU A 50 19.53 2.81 37.16
CA LEU A 50 18.66 3.97 36.95
C LEU A 50 17.58 4.05 38.01
N GLY A 51 17.08 2.90 38.44
CA GLY A 51 15.94 2.81 39.31
C GLY A 51 15.34 1.41 39.24
N GLU A 52 14.28 1.22 40.02
CA GLU A 52 13.64 -0.09 40.09
C GLU A 52 13.17 -0.50 38.69
N ILE A 53 13.35 -1.79 38.37
CA ILE A 53 12.80 -2.38 37.14
C ILE A 53 11.65 -3.29 37.53
N LEU A 54 10.51 -3.14 36.87
CA LEU A 54 9.37 -3.97 37.21
C LEU A 54 8.71 -4.51 35.95
N GLU A 55 8.01 -5.59 36.11
CA GLU A 55 7.25 -6.13 35.00
C GLU A 55 5.86 -5.51 34.96
N PRO A 56 5.20 -5.53 33.81
CA PRO A 56 3.88 -4.90 33.70
C PRO A 56 2.79 -5.66 34.45
N GLU A 57 1.74 -4.92 34.80
CA GLU A 57 0.46 -5.50 35.17
C GLU A 57 -0.38 -5.77 33.91
N GLU A 58 -1.38 -6.63 34.05
CA GLU A 58 -2.29 -6.94 32.95
C GLU A 58 -3.50 -6.03 33.05
N PHE A 59 -3.65 -5.12 32.10
CA PHE A 59 -4.79 -4.22 32.09
C PHE A 59 -5.90 -4.71 31.17
N GLY A 60 -5.66 -5.73 30.37
CA GLY A 60 -6.68 -6.21 29.45
C GLY A 60 -6.88 -5.25 28.29
N LEU A 61 -7.89 -5.56 27.47
CA LEU A 61 -8.10 -4.82 26.23
C LEU A 61 -8.87 -3.51 26.42
N GLY A 62 -9.51 -3.31 27.57
CA GLY A 62 -10.26 -2.10 27.83
C GLY A 62 -9.51 -0.83 27.46
N PRO A 63 -8.35 -0.61 28.07
CA PRO A 63 -7.59 0.62 27.77
C PRO A 63 -7.04 0.64 26.35
N VAL A 64 -6.77 -0.52 25.75
CA VAL A 64 -6.34 -0.53 24.35
C VAL A 64 -7.48 -0.05 23.46
N LYS A 65 -8.69 -0.51 23.74
CA LYS A 65 -9.85 -0.16 22.93
C LYS A 65 -10.37 1.25 23.18
N ARG A 66 -9.83 1.97 24.17
CA ARG A 66 -10.12 3.39 24.27
C ARG A 66 -9.45 4.19 23.16
N VAL A 67 -8.48 3.59 22.47
CA VAL A 67 -7.73 4.23 21.41
C VAL A 67 -7.94 3.52 20.07
N HIS A 68 -7.96 2.20 20.08
CA HIS A 68 -8.01 1.41 18.86
C HIS A 68 -9.39 0.82 18.65
N THR A 69 -9.77 0.63 17.38
CA THR A 69 -11.10 0.10 17.08
C THR A 69 -11.17 -1.40 17.38
N ALA A 70 -12.38 -1.86 17.71
CA ALA A 70 -12.56 -3.26 18.06
C ALA A 70 -12.23 -4.19 16.90
N ASP A 71 -12.57 -3.79 15.67
CA ASP A 71 -12.30 -4.64 14.51
C ASP A 71 -10.79 -4.77 14.29
N TYR A 72 -10.06 -3.69 14.53
CA TYR A 72 -8.61 -3.72 14.37
C TYR A 72 -7.97 -4.60 15.44
N VAL A 73 -8.40 -4.44 16.69
CA VAL A 73 -7.86 -5.28 17.76
C VAL A 73 -8.16 -6.75 17.47
N SER A 74 -9.37 -7.06 16.97
CA SER A 74 -9.69 -8.44 16.59
C SER A 74 -8.77 -8.96 15.49
N PHE A 75 -8.55 -8.12 14.48
CA PHE A 75 -7.70 -8.52 13.36
C PHE A 75 -6.27 -8.83 13.82
N LEU A 76 -5.70 -8.01 14.72
CA LEU A 76 -4.34 -8.28 15.14
C LEU A 76 -4.24 -9.63 15.85
N GLU A 77 -5.28 -10.01 16.58
CA GLU A 77 -5.25 -11.30 17.28
C GLU A 77 -5.39 -12.48 16.32
N THR A 78 -6.11 -12.32 15.22
CA THR A 78 -6.37 -13.46 14.35
C THR A 78 -5.51 -13.49 13.09
N CYS A 79 -4.78 -12.40 12.79
CA CYS A 79 -4.15 -12.25 11.48
C CYS A 79 -3.25 -13.44 11.14
N TRP A 80 -2.36 -13.80 12.05
CA TRP A 80 -1.40 -14.86 11.74
C TRP A 80 -2.11 -16.21 11.52
N ASP A 81 -3.07 -16.55 12.37
CA ASP A 81 -3.84 -17.77 12.14
C ASP A 81 -4.52 -17.75 10.78
N GLU A 82 -5.09 -16.61 10.40
CA GLU A 82 -5.79 -16.53 9.12
C GLU A 82 -4.82 -16.71 7.95
N TRP A 83 -3.61 -16.15 8.10
CA TRP A 83 -2.61 -16.19 7.04
C TRP A 83 -2.11 -17.61 6.82
N VAL A 84 -1.73 -18.28 7.92
CA VAL A 84 -1.27 -19.66 7.84
C VAL A 84 -2.39 -20.54 7.27
N ALA A 85 -3.63 -20.33 7.71
CA ALA A 85 -4.73 -21.19 7.28
C ALA A 85 -5.00 -21.02 5.79
N ALA A 86 -4.75 -19.81 5.26
CA ALA A 86 -4.92 -19.57 3.83
C ALA A 86 -3.76 -20.13 3.01
N GLY A 87 -2.77 -20.74 3.64
CA GLY A 87 -1.72 -21.43 2.89
C GLY A 87 -0.50 -20.62 2.49
N LYS A 88 -0.34 -19.40 3.00
CA LYS A 88 0.83 -18.61 2.65
C LYS A 88 2.07 -19.16 3.34
N ARG A 89 3.21 -19.11 2.66
CA ARG A 89 4.42 -19.70 3.20
C ARG A 89 5.37 -18.73 3.88
N GLY A 90 5.27 -17.43 3.61
CA GLY A 90 6.13 -16.45 4.26
C GLY A 90 5.48 -15.88 5.49
N GLU A 91 6.17 -14.89 6.09
CA GLU A 91 5.54 -14.09 7.13
C GLU A 91 4.41 -13.25 6.52
N ALA A 92 3.51 -12.76 7.37
CA ALA A 92 2.34 -12.02 6.90
C ALA A 92 2.75 -10.59 6.55
N ILE A 93 2.66 -10.27 5.27
CA ILE A 93 3.12 -8.99 4.68
C ILE A 93 2.03 -8.58 3.70
N PRO A 94 1.52 -7.34 3.75
CA PRO A 94 0.51 -6.94 2.77
C PRO A 94 1.10 -6.89 1.38
N THR A 95 0.29 -7.28 0.40
CA THR A 95 0.61 -7.21 -1.02
C THR A 95 -0.22 -6.17 -1.76
N PHE A 96 -1.42 -5.87 -1.26
CA PHE A 96 -2.36 -4.97 -1.92
C PHE A 96 -2.97 -4.08 -0.86
N TRP A 97 -3.37 -2.88 -1.24
CA TRP A 97 -3.92 -1.95 -0.26
C TRP A 97 -4.95 -1.06 -0.93
N VAL A 98 -5.55 -0.16 -0.15
CA VAL A 98 -6.54 0.76 -0.72
C VAL A 98 -5.77 1.85 -1.45
N GLY A 99 -5.59 1.69 -2.76
CA GLY A 99 -4.94 2.72 -3.55
C GLY A 99 -5.81 3.96 -3.69
N ARG A 100 -5.20 5.04 -4.13
CA ARG A 100 -5.97 6.26 -4.35
C ARG A 100 -7.00 5.99 -5.44
N GLY A 101 -8.23 6.33 -5.14
CA GLY A 101 -9.32 6.04 -6.02
C GLY A 101 -10.10 4.80 -5.64
N MET A 102 -9.61 4.00 -4.68
CA MET A 102 -10.34 2.80 -4.28
C MET A 102 -11.17 3.08 -3.04
N ARG A 103 -11.96 2.09 -2.63
CA ARG A 103 -12.88 2.26 -1.50
C ARG A 103 -12.25 1.79 -0.20
N ALA A 104 -12.41 2.57 0.85
CA ALA A 104 -11.96 2.17 2.19
C ALA A 104 -13.01 1.23 2.76
N ARG A 105 -13.01 -0.01 2.25
CA ARG A 105 -14.05 -0.97 2.58
C ARG A 105 -13.37 -2.26 3.00
N LEU A 106 -13.77 -2.79 4.15
CA LEU A 106 -13.12 -3.96 4.71
C LEU A 106 -13.58 -5.22 3.97
N PRO A 107 -12.66 -5.97 3.32
CA PRO A 107 -13.09 -7.19 2.63
C PRO A 107 -13.03 -8.42 3.50
N LYS A 108 -13.32 -9.60 2.94
CA LYS A 108 -13.31 -10.82 3.74
C LYS A 108 -11.97 -11.52 3.74
N ASP A 109 -11.28 -11.51 2.60
CA ASP A 109 -10.04 -12.26 2.43
C ASP A 109 -8.93 -11.69 3.29
N ILE A 110 -8.06 -12.56 3.81
CA ILE A 110 -6.97 -12.11 4.68
C ILE A 110 -6.03 -11.15 3.94
N ASP A 111 -5.78 -11.38 2.65
CA ASP A 111 -4.89 -10.43 1.95
C ASP A 111 -5.51 -9.05 1.90
N GLY A 112 -6.81 -8.99 1.65
CA GLY A 112 -7.50 -7.71 1.63
C GLY A 112 -7.55 -7.07 3.01
N ARG A 113 -7.75 -7.90 4.05
CA ARG A 113 -7.77 -7.37 5.40
C ARG A 113 -6.40 -6.83 5.79
N LEU A 114 -5.35 -7.56 5.43
CA LEU A 114 -3.99 -7.11 5.70
C LEU A 114 -3.73 -5.73 5.08
N GLY A 115 -4.16 -5.54 3.84
CA GLY A 115 -3.92 -4.27 3.19
C GLY A 115 -4.78 -3.15 3.75
N TYR A 116 -6.04 -3.47 4.08
CA TYR A 116 -6.94 -2.48 4.66
C TYR A 116 -6.37 -1.91 5.96
N TYR A 117 -5.78 -2.76 6.79
CA TYR A 117 -5.28 -2.37 8.10
C TYR A 117 -3.82 -1.94 8.11
N SER A 118 -3.20 -1.71 6.97
CA SER A 118 -1.78 -1.38 7.01
C SER A 118 -1.49 -0.09 6.25
N LEU A 119 -0.30 0.46 6.53
CA LEU A 119 0.22 1.57 5.77
C LEU A 119 1.59 1.26 5.17
N GLY A 120 2.11 0.05 5.36
CA GLY A 120 3.39 -0.29 4.77
C GLY A 120 3.59 -1.79 4.81
N ALA A 121 4.61 -2.22 4.08
CA ALA A 121 4.89 -3.64 3.89
C ALA A 121 6.16 -4.06 4.59
N ASP A 122 6.73 -3.20 5.42
CA ASP A 122 7.99 -3.50 6.10
C ASP A 122 7.79 -4.03 7.51
N THR A 123 6.56 -4.30 7.91
CA THR A 123 6.20 -4.67 9.28
C THR A 123 5.56 -6.07 9.28
N SER A 124 6.39 -7.09 9.06
CA SER A 124 5.91 -8.46 8.98
C SER A 124 5.20 -8.86 10.26
N ILE A 125 4.12 -9.65 10.12
CA ILE A 125 3.41 -10.20 11.27
C ILE A 125 3.70 -11.69 11.31
N SER A 126 4.00 -12.22 12.51
CA SER A 126 4.16 -13.66 12.62
C SER A 126 3.72 -14.10 14.00
N ASP A 127 3.94 -15.38 14.31
CA ASP A 127 3.55 -15.92 15.60
C ASP A 127 4.22 -15.16 16.73
N GLY A 128 3.43 -14.76 17.72
CA GLY A 128 3.92 -14.02 18.86
C GLY A 128 3.80 -12.51 18.74
N THR A 129 3.42 -11.98 17.57
CA THR A 129 3.28 -10.54 17.43
C THR A 129 2.16 -10.01 18.31
N TRP A 130 1.03 -10.70 18.34
CA TRP A 130 -0.09 -10.28 19.18
C TRP A 130 0.32 -10.24 20.65
N GLU A 131 0.96 -11.30 21.13
CA GLU A 131 1.39 -11.37 22.52
C GLU A 131 2.38 -10.24 22.86
N ALA A 132 3.33 -10.00 21.98
CA ALA A 132 4.29 -8.93 22.22
C ALA A 132 3.63 -7.56 22.21
N ALA A 133 2.75 -7.30 21.24
CA ALA A 133 2.03 -6.04 21.21
C ALA A 133 1.19 -5.83 22.46
N ARG A 134 0.53 -6.90 22.94
CA ARG A 134 -0.25 -6.80 24.17
C ARG A 134 0.63 -6.45 25.36
N ALA A 135 1.78 -7.11 25.48
CA ALA A 135 2.70 -6.86 26.58
C ALA A 135 3.22 -5.42 26.53
N SER A 136 3.53 -4.95 25.32
CA SER A 136 4.06 -3.60 25.18
C SER A 136 3.05 -2.55 25.62
N ALA A 137 1.77 -2.73 25.29
CA ALA A 137 0.76 -1.76 25.72
C ALA A 137 0.60 -1.83 27.24
N ASN A 138 0.65 -3.03 27.82
CA ASN A 138 0.62 -3.14 29.28
C ASN A 138 1.84 -2.49 29.93
N VAL A 139 3.01 -2.57 29.28
CA VAL A 139 4.18 -1.87 29.78
C VAL A 139 3.91 -0.37 29.85
N ALA A 140 3.31 0.19 28.79
CA ALA A 140 2.99 1.61 28.80
C ALA A 140 1.94 1.95 29.88
N LEU A 141 0.91 1.11 30.01
CA LEU A 141 -0.14 1.37 30.99
C LEU A 141 0.38 1.26 32.42
N THR A 142 1.36 0.38 32.63
CA THR A 142 1.94 0.23 33.95
C THR A 142 2.79 1.43 34.30
N ALA A 143 3.54 1.97 33.33
CA ALA A 143 4.29 3.19 33.59
C ALA A 143 3.34 4.35 33.87
N GLN A 144 2.21 4.41 33.16
CA GLN A 144 1.25 5.48 33.43
C GLN A 144 0.65 5.35 34.82
N LYS A 145 0.36 4.12 35.25
CA LYS A 145 -0.15 3.91 36.59
C LYS A 145 0.87 4.35 37.65
N LEU A 146 2.15 4.04 37.43
CA LEU A 146 3.19 4.47 38.36
C LEU A 146 3.14 5.99 38.53
N VAL A 147 3.01 6.71 37.42
CA VAL A 147 3.04 8.17 37.48
C VAL A 147 1.74 8.70 38.06
N ALA A 148 0.61 8.13 37.65
CA ALA A 148 -0.67 8.57 38.22
C ALA A 148 -0.69 8.37 39.74
N GLU A 149 -0.01 7.34 40.25
CA GLU A 149 0.02 7.09 41.67
C GLU A 149 1.04 7.92 42.41
N GLY A 150 1.90 8.65 41.71
CA GLY A 150 2.79 9.54 42.44
C GLY A 150 4.20 9.69 41.89
N GLU A 151 4.65 8.80 41.00
CA GLU A 151 6.00 8.97 40.47
C GLU A 151 6.05 10.19 39.57
N ARG A 152 7.14 10.96 39.68
CA ARG A 152 7.32 12.08 38.77
C ARG A 152 7.37 11.61 37.32
N ALA A 153 8.09 10.52 37.06
CA ALA A 153 8.27 9.99 35.72
C ALA A 153 8.46 8.48 35.79
N ALA A 154 8.25 7.82 34.65
CA ALA A 154 8.52 6.39 34.52
C ALA A 154 8.87 6.11 33.07
N PHE A 155 9.71 5.10 32.86
CA PHE A 155 10.21 4.72 31.54
C PHE A 155 9.53 3.42 31.12
N ALA A 156 8.69 3.49 30.08
CA ALA A 156 8.02 2.31 29.54
C ALA A 156 8.91 1.76 28.44
N LEU A 157 9.61 0.65 28.73
CA LEU A 157 10.56 0.10 27.76
C LEU A 157 9.77 -0.79 26.82
N CYS A 158 9.04 -0.13 25.92
CA CYS A 158 8.11 -0.79 25.01
C CYS A 158 8.83 -1.43 23.83
N ARG A 159 8.38 -2.61 23.43
CA ARG A 159 8.79 -3.20 22.16
C ARG A 159 7.77 -4.29 21.86
N PRO A 160 7.05 -4.19 20.72
CA PRO A 160 7.20 -3.22 19.62
C PRO A 160 6.85 -1.79 19.99
N PRO A 161 7.40 -0.83 19.23
CA PRO A 161 7.03 0.58 19.43
C PRO A 161 5.59 0.85 18.99
N GLY A 162 5.15 2.10 19.14
CA GLY A 162 3.74 2.42 18.94
C GLY A 162 3.37 3.61 18.09
N HIS A 163 4.26 4.60 17.93
CA HIS A 163 3.77 5.94 17.54
C HIS A 163 3.28 6.03 16.10
N HIS A 164 3.54 5.02 15.26
CA HIS A 164 3.04 5.02 13.88
C HIS A 164 1.68 4.34 13.71
N ALA A 165 1.17 3.67 14.75
CA ALA A 165 -0.13 2.99 14.65
C ALA A 165 -1.28 3.97 14.83
N HIS A 166 -2.22 3.95 13.88
CA HIS A 166 -3.47 4.70 13.97
C HIS A 166 -4.47 3.91 14.80
N ALA A 167 -5.69 4.47 14.95
CA ALA A 167 -6.75 3.75 15.64
C ALA A 167 -6.93 2.38 15.02
N ASP A 168 -6.76 2.26 13.70
CA ASP A 168 -7.04 0.99 13.05
C ASP A 168 -6.09 0.77 11.87
N VAL A 169 -4.82 1.16 12.01
CA VAL A 169 -3.80 0.92 10.99
C VAL A 169 -2.49 0.61 11.70
N PHE A 170 -1.80 -0.45 11.28
CA PHE A 170 -0.46 -0.77 11.74
C PHE A 170 0.57 -0.43 10.67
N GLY A 171 1.81 -0.31 11.12
CA GLY A 171 2.91 -0.02 10.22
C GLY A 171 4.04 0.66 10.97
N GLY A 172 5.14 0.89 10.26
CA GLY A 172 6.31 1.50 10.88
C GLY A 172 6.76 0.73 12.10
N TYR A 173 6.61 -0.59 12.05
CA TYR A 173 7.01 -1.51 13.11
C TYR A 173 6.08 -1.46 14.32
N CYS A 174 4.95 -0.77 14.22
CA CYS A 174 4.06 -0.49 15.35
C CYS A 174 2.68 -1.11 15.15
N PHE A 175 2.06 -1.51 16.26
CA PHE A 175 0.76 -2.18 16.23
C PHE A 175 -0.26 -1.51 17.15
N PHE A 176 0.08 -1.34 18.41
CA PHE A 176 -0.74 -0.57 19.35
C PHE A 176 0.01 0.71 19.66
N ASN A 177 -0.71 1.82 19.73
CA ASN A 177 -0.05 3.12 19.95
C ASN A 177 0.11 3.34 21.45
N ASN A 178 1.22 2.84 21.98
CA ASN A 178 1.45 2.86 23.44
C ASN A 178 1.36 4.27 24.02
N ALA A 179 1.89 5.28 23.31
CA ALA A 179 1.85 6.64 23.85
C ALA A 179 0.43 7.17 23.90
N ALA A 180 -0.35 6.91 22.85
CA ALA A 180 -1.75 7.33 22.84
C ALA A 180 -2.54 6.59 23.90
N ILE A 181 -2.26 5.30 24.09
CA ILE A 181 -2.94 4.51 25.12
C ILE A 181 -2.66 5.11 26.49
N ALA A 182 -1.40 5.47 26.75
CA ALA A 182 -1.04 6.11 28.02
C ALA A 182 -1.70 7.48 28.18
N ALA A 183 -1.70 8.29 27.11
CA ALA A 183 -2.32 9.61 27.18
C ALA A 183 -3.81 9.50 27.47
N GLN A 184 -4.49 8.60 26.78
CA GLN A 184 -5.92 8.39 27.00
C GLN A 184 -6.20 7.87 28.41
N ALA A 185 -5.30 7.08 28.97
CA ALA A 185 -5.48 6.61 30.33
C ALA A 185 -5.43 7.78 31.32
N PHE A 186 -4.49 8.73 31.10
CA PHE A 186 -4.46 9.95 31.91
C PHE A 186 -5.80 10.68 31.84
N ARG A 187 -6.35 10.84 30.63
CA ARG A 187 -7.62 11.53 30.47
C ARG A 187 -8.74 10.79 31.18
N ASP A 188 -8.81 9.48 31.01
CA ASP A 188 -9.86 8.69 31.66
C ASP A 188 -9.76 8.71 33.17
N GLN A 189 -8.56 8.96 33.71
CA GLN A 189 -8.34 9.06 35.15
C GLN A 189 -8.49 10.49 35.68
N GLY A 190 -9.00 11.41 34.87
CA GLY A 190 -9.33 12.73 35.35
C GLY A 190 -8.30 13.81 35.10
N TYR A 191 -7.19 13.50 34.45
CA TYR A 191 -6.29 14.54 34.00
C TYR A 191 -6.97 15.31 32.87
N GLY A 192 -7.16 16.62 33.04
CA GLY A 192 -8.00 17.36 32.11
C GLY A 192 -7.36 17.54 30.75
N LYS A 193 -6.04 17.71 30.72
CA LYS A 193 -5.31 17.95 29.48
C LYS A 193 -4.02 17.15 29.52
N VAL A 194 -3.65 16.55 28.39
CA VAL A 194 -2.41 15.79 28.27
C VAL A 194 -1.68 16.24 27.02
N ALA A 195 -0.36 16.32 27.09
CA ALA A 195 0.46 16.59 25.92
C ALA A 195 1.25 15.33 25.56
N VAL A 196 1.32 15.02 24.27
CA VAL A 196 2.21 13.96 23.78
C VAL A 196 3.27 14.59 22.90
N LEU A 197 4.53 14.39 23.27
CA LEU A 197 5.66 14.96 22.54
C LEU A 197 6.48 13.82 21.93
N ASP A 198 6.62 13.85 20.61
CA ASP A 198 7.27 12.78 19.86
C ASP A 198 8.65 13.27 19.40
N VAL A 199 9.71 12.76 20.04
CA VAL A 199 11.08 13.18 19.69
C VAL A 199 11.80 12.14 18.85
N ASP A 200 11.13 11.03 18.54
CA ASP A 200 11.61 10.08 17.56
C ASP A 200 11.86 10.77 16.22
N PHE A 201 12.84 10.24 15.47
CA PHE A 201 13.19 10.87 14.19
C PHE A 201 11.99 10.92 13.25
N HIS A 202 11.10 9.91 13.31
CA HIS A 202 9.99 9.86 12.37
C HIS A 202 8.76 10.55 12.96
N HIS A 203 7.92 11.06 12.08
CA HIS A 203 6.66 11.65 12.51
C HIS A 203 5.77 10.63 13.21
N GLY A 204 5.22 11.02 14.35
CA GLY A 204 4.24 10.20 15.03
C GLY A 204 2.89 10.31 14.38
N ASN A 205 2.72 9.70 13.20
CA ASN A 205 1.47 9.87 12.45
C ASN A 205 0.31 9.20 13.15
N GLY A 206 0.55 8.08 13.83
CA GLY A 206 -0.55 7.40 14.50
C GLY A 206 -1.12 8.27 15.61
N THR A 207 -0.23 8.83 16.43
CA THR A 207 -0.64 9.71 17.52
C THR A 207 -1.34 10.96 17.00
N GLN A 208 -0.81 11.57 15.94
CA GLN A 208 -1.49 12.72 15.36
C GLN A 208 -2.91 12.35 14.91
N ALA A 209 -3.05 11.22 14.20
CA ALA A 209 -4.37 10.86 13.68
C ALA A 209 -5.36 10.58 14.81
N ILE A 210 -4.89 9.91 15.87
CA ILE A 210 -5.81 9.48 16.93
C ILE A 210 -6.47 10.67 17.63
N PHE A 211 -5.72 11.75 17.84
CA PHE A 211 -6.21 12.92 18.58
C PHE A 211 -6.47 14.13 17.69
N TYR A 212 -6.55 13.94 16.37
CA TYR A 212 -6.46 15.07 15.44
C TYR A 212 -7.63 16.02 15.57
N ASP A 213 -8.80 15.54 15.99
CA ASP A 213 -9.95 16.41 16.14
C ASP A 213 -10.25 16.72 17.60
N ARG A 214 -9.25 16.65 18.48
CA ARG A 214 -9.46 16.86 19.90
C ARG A 214 -8.53 17.94 20.42
N SER A 215 -9.06 18.79 21.28
CA SER A 215 -8.27 19.85 21.92
C SER A 215 -7.81 19.48 23.31
N ASP A 216 -8.26 18.35 23.86
CA ASP A 216 -7.85 17.93 25.20
C ASP A 216 -6.53 17.17 25.23
N VAL A 217 -6.05 16.71 24.08
CA VAL A 217 -4.73 16.08 24.00
C VAL A 217 -3.95 16.80 22.91
N LEU A 218 -2.95 17.57 23.31
CA LEU A 218 -2.06 18.26 22.39
C LEU A 218 -0.99 17.28 21.89
N THR A 219 -0.84 17.17 20.58
CA THR A 219 0.16 16.31 20.00
C THR A 219 1.21 17.13 19.27
N ILE A 220 2.48 16.86 19.57
CA ILE A 220 3.60 17.56 18.95
C ILE A 220 4.62 16.52 18.52
N SER A 221 5.21 16.72 17.33
CA SER A 221 6.27 15.84 16.85
C SER A 221 7.36 16.66 16.18
N LEU A 222 8.60 16.32 16.47
CA LEU A 222 9.77 16.75 15.73
C LEU A 222 10.21 15.57 14.88
N HIS A 223 10.59 15.82 13.64
CA HIS A 223 10.89 14.68 12.77
C HIS A 223 11.55 15.12 11.47
N GLY A 224 12.12 14.14 10.77
CA GLY A 224 12.60 14.38 9.42
C GLY A 224 11.47 14.74 8.46
N ASP A 225 11.79 15.60 7.50
CA ASP A 225 10.83 16.06 6.51
C ASP A 225 10.14 14.89 5.80
N PRO A 226 8.82 14.72 5.91
CA PRO A 226 8.17 13.58 5.22
C PRO A 226 8.18 13.70 3.72
N ASP A 227 8.49 14.88 3.14
CA ASP A 227 8.80 14.90 1.72
C ASP A 227 9.90 13.91 1.37
N LEU A 228 10.79 13.64 2.33
CA LEU A 228 12.01 12.88 2.11
C LEU A 228 12.01 11.52 2.79
N VAL A 229 11.27 11.35 3.90
CA VAL A 229 11.35 10.12 4.67
C VAL A 229 9.97 9.68 5.14
N PHE A 230 9.91 8.42 5.56
CA PHE A 230 8.74 7.85 6.21
C PHE A 230 8.28 8.75 7.36
N PRO A 231 6.95 8.97 7.52
CA PRO A 231 5.87 8.26 6.82
C PRO A 231 5.34 8.87 5.52
N HIS A 232 5.97 9.94 5.02
CA HIS A 232 5.75 10.53 3.70
C HIS A 232 4.43 11.28 3.52
N PHE A 233 3.33 10.80 4.09
CA PHE A 233 2.02 11.29 3.72
C PHE A 233 1.28 11.93 4.88
N LEU A 234 1.98 12.15 5.97
CA LEU A 234 1.54 12.99 7.07
C LEU A 234 2.81 13.53 7.71
N GLY A 235 2.65 14.55 8.54
CA GLY A 235 3.77 15.12 9.27
C GLY A 235 4.16 16.51 8.82
N PHE A 236 3.40 17.11 7.91
CA PHE A 236 3.77 18.42 7.38
C PHE A 236 3.30 19.51 8.32
N GLU A 237 3.98 20.66 8.23
CA GLU A 237 3.75 21.70 9.22
C GLU A 237 2.37 22.32 9.11
N ASP A 238 1.70 22.16 7.95
CA ASP A 238 0.37 22.73 7.81
C ASP A 238 -0.73 21.89 8.44
N GLU A 239 -0.39 20.78 9.09
CA GLU A 239 -1.38 19.91 9.71
C GLU A 239 -1.52 20.34 11.16
N THR A 240 -2.53 21.16 11.45
CA THR A 240 -2.65 21.75 12.78
C THR A 240 -3.83 21.25 13.56
N GLY A 241 -4.56 20.29 13.03
CA GLY A 241 -5.75 19.74 13.66
C GLY A 241 -6.99 20.07 12.85
N GLU A 242 -8.09 19.42 13.24
CA GLU A 242 -9.36 19.66 12.56
C GLU A 242 -10.47 19.76 13.58
N GLY A 243 -11.48 20.57 13.26
CA GLY A 243 -12.58 20.74 14.20
C GLY A 243 -12.11 21.32 15.51
N ASP A 244 -12.61 20.75 16.62
CA ASP A 244 -12.20 21.22 17.94
C ASP A 244 -10.69 21.11 18.12
N GLY A 245 -10.04 20.18 17.42
CA GLY A 245 -8.61 19.99 17.49
C GLY A 245 -7.76 20.97 16.72
N GLU A 246 -8.35 21.88 15.95
CA GLU A 246 -7.53 22.86 15.24
C GLU A 246 -6.76 23.73 16.22
N ALA A 247 -5.43 23.76 16.03
CA ALA A 247 -4.41 24.44 16.82
C ALA A 247 -3.86 23.52 17.91
N TYR A 248 -4.25 22.26 17.92
CA TYR A 248 -3.79 21.32 18.95
C TYR A 248 -2.95 20.19 18.37
N ASN A 249 -2.40 20.38 17.16
CA ASN A 249 -1.37 19.51 16.61
C ASN A 249 -0.27 20.39 16.07
N LEU A 250 0.98 20.05 16.40
CA LEU A 250 2.13 20.82 15.95
C LEU A 250 3.19 19.88 15.42
N ASN A 251 3.50 20.00 14.12
CA ASN A 251 4.60 19.29 13.48
C ASN A 251 5.76 20.25 13.24
N ILE A 252 6.97 19.79 13.54
CA ILE A 252 8.20 20.56 13.37
C ILE A 252 9.16 19.70 12.55
N VAL A 253 9.46 20.13 11.31
CA VAL A 253 10.17 19.27 10.38
C VAL A 253 11.57 19.80 10.16
N PHE A 254 12.51 18.89 9.90
CA PHE A 254 13.91 19.25 9.70
C PHE A 254 14.47 18.53 8.49
N PRO A 255 15.47 19.11 7.84
CA PRO A 255 16.06 18.51 6.64
C PRO A 255 17.20 17.58 6.96
N PRO A 256 17.82 16.96 5.94
CA PRO A 256 18.94 16.05 6.20
C PRO A 256 20.10 16.74 6.89
N ASP A 257 20.77 15.96 7.76
CA ASP A 257 22.00 16.34 8.47
C ASP A 257 21.76 17.36 9.56
N THR A 258 20.53 17.47 10.04
CA THR A 258 20.22 18.43 11.09
C THR A 258 20.94 18.02 12.39
N PRO A 259 21.72 18.95 13.01
CA PRO A 259 22.41 18.63 14.26
C PRO A 259 21.62 19.12 15.46
N PHE A 260 22.08 18.80 16.67
CA PHE A 260 21.32 19.14 17.87
C PHE A 260 21.16 20.65 18.02
N SER A 261 22.17 21.43 17.60
CA SER A 261 22.08 22.87 17.75
C SER A 261 20.85 23.45 17.07
N ILE A 262 20.37 22.81 16.00
CA ILE A 262 19.17 23.26 15.30
C ILE A 262 17.95 22.48 15.75
N TRP A 263 18.09 21.15 15.88
CA TRP A 263 17.01 20.35 16.43
C TRP A 263 16.52 20.89 17.78
N SER A 264 17.44 21.32 18.65
CA SER A 264 17.03 21.83 19.95
C SER A 264 16.27 23.16 19.86
N GLN A 265 16.43 23.90 18.76
CA GLN A 265 15.58 25.06 18.54
C GLN A 265 14.13 24.63 18.35
N GLY A 266 13.89 23.54 17.61
CA GLY A 266 12.56 23.01 17.51
C GLY A 266 12.06 22.48 18.84
N LEU A 267 12.93 21.83 19.61
CA LEU A 267 12.55 21.38 20.94
C LEU A 267 12.06 22.54 21.79
N GLU A 268 12.75 23.69 21.69
CA GLU A 268 12.34 24.86 22.47
C GLU A 268 10.97 25.36 22.03
N LYS A 269 10.69 25.35 20.73
CA LYS A 269 9.35 25.73 20.26
C LYS A 269 8.30 24.77 20.79
N ALA A 270 8.63 23.48 20.83
CA ALA A 270 7.68 22.51 21.37
C ALA A 270 7.43 22.76 22.85
N CYS A 271 8.50 23.08 23.60
CA CYS A 271 8.34 23.33 25.03
C CYS A 271 7.54 24.61 25.28
N GLU A 272 7.70 25.64 24.44
CA GLU A 272 6.88 26.84 24.56
C GLU A 272 5.41 26.55 24.25
N ARG A 273 5.15 25.69 23.26
CA ARG A 273 3.77 25.30 23.00
C ARG A 273 3.18 24.51 24.15
N ILE A 274 3.97 23.63 24.77
CA ILE A 274 3.47 22.89 25.93
C ILE A 274 3.16 23.85 27.08
N ARG A 275 4.00 24.86 27.28
CA ARG A 275 3.80 25.80 28.38
C ARG A 275 2.48 26.56 28.21
N THR A 276 2.19 27.05 27.00
CA THR A 276 0.92 27.75 26.81
C THR A 276 -0.27 26.81 26.92
N PHE A 277 -0.10 25.55 26.50
CA PHE A 277 -1.18 24.58 26.61
C PHE A 277 -1.47 24.25 28.08
N ALA A 278 -0.42 24.20 28.88
CA ALA A 278 -0.43 23.94 30.32
C ALA A 278 -1.11 22.61 30.60
N PRO A 279 -0.51 21.50 30.21
CA PRO A 279 -1.16 20.21 30.40
C PRO A 279 -0.97 19.71 31.83
N ASP A 280 -1.80 18.73 32.19
CA ASP A 280 -1.73 18.07 33.48
C ASP A 280 -0.78 16.87 33.48
N ALA A 281 -0.40 16.37 32.32
CA ALA A 281 0.52 15.23 32.23
C ALA A 281 1.17 15.27 30.85
N LEU A 282 2.36 14.67 30.76
CA LEU A 282 3.16 14.62 29.53
C LEU A 282 3.47 13.17 29.18
N VAL A 283 3.29 12.79 27.92
CA VAL A 283 3.83 11.54 27.40
C VAL A 283 4.88 11.88 26.36
N VAL A 284 6.07 11.30 26.51
CA VAL A 284 7.15 11.54 25.55
C VAL A 284 7.36 10.24 24.79
N ALA A 285 7.04 10.25 23.50
CA ALA A 285 7.32 9.15 22.60
C ALA A 285 8.79 9.32 22.22
N LEU A 286 9.64 8.50 22.84
CA LEU A 286 11.10 8.67 22.78
C LEU A 286 11.70 7.70 21.78
N GLY A 287 12.25 8.24 20.71
CA GLY A 287 13.07 7.47 19.79
C GLY A 287 14.45 8.07 19.81
N VAL A 288 15.46 7.22 19.71
CA VAL A 288 16.83 7.68 19.59
C VAL A 288 17.42 7.36 18.22
N ASP A 289 16.56 7.18 17.22
CA ASP A 289 17.01 7.14 15.85
C ASP A 289 17.34 8.53 15.30
N THR A 290 17.33 9.55 16.16
CA THR A 290 17.89 10.86 15.83
C THR A 290 19.41 10.86 15.91
N PHE A 291 19.99 9.74 16.36
CA PHE A 291 21.43 9.57 16.55
C PHE A 291 22.20 9.61 15.23
N GLU A 292 23.40 10.20 15.27
CA GLU A 292 24.24 10.34 14.10
C GLU A 292 24.62 9.01 13.44
N GLU A 293 24.57 7.89 14.16
CA GLU A 293 24.92 6.60 13.55
C GLU A 293 23.71 5.77 13.16
N ASP A 294 22.52 6.32 13.25
CA ASP A 294 21.36 5.48 13.02
C ASP A 294 21.23 5.14 11.54
N PRO A 295 20.95 3.87 11.18
CA PRO A 295 20.96 3.49 9.77
C PRO A 295 19.72 3.89 8.98
N ILE A 296 18.64 4.35 9.61
CA ILE A 296 17.47 4.68 8.80
C ILE A 296 17.00 6.09 9.14
N SER A 297 17.94 6.99 9.38
CA SER A 297 17.58 8.36 9.70
CA SER A 297 17.57 8.36 9.65
C SER A 297 18.70 9.27 9.21
N PHE A 298 18.43 10.58 9.23
CA PHE A 298 19.48 11.46 8.76
C PHE A 298 19.72 12.66 9.68
N PHE A 299 19.47 12.54 10.97
CA PHE A 299 19.88 13.59 11.90
C PHE A 299 21.24 13.24 12.49
N LYS A 300 21.81 14.20 13.25
CA LYS A 300 23.21 14.10 13.67
C LYS A 300 23.39 14.30 15.16
N LEU A 301 22.42 13.88 15.97
CA LEU A 301 22.54 14.00 17.42
C LEU A 301 23.68 13.10 17.94
N THR A 302 24.35 13.56 18.99
CA THR A 302 25.40 12.75 19.62
C THR A 302 24.87 12.17 20.92
N SER A 303 25.64 11.25 21.50
CA SER A 303 25.18 10.60 22.71
C SER A 303 25.01 11.60 23.86
N GLY A 304 25.91 12.58 23.97
CA GLY A 304 25.75 13.59 25.00
C GLY A 304 24.53 14.46 24.81
N ASP A 305 24.04 14.60 23.57
CA ASP A 305 22.85 15.42 23.34
C ASP A 305 21.64 14.83 24.03
N TYR A 306 21.61 13.52 24.26
CA TYR A 306 20.43 12.92 24.91
C TYR A 306 20.36 13.32 26.39
N LEU A 307 21.52 13.52 27.04
CA LEU A 307 21.50 14.06 28.39
C LEU A 307 20.87 15.44 28.42
N LYS A 308 21.20 16.27 27.42
CA LYS A 308 20.62 17.61 27.32
C LYS A 308 19.12 17.53 27.07
N LEU A 309 18.69 16.59 26.23
CA LEU A 309 17.26 16.47 25.96
C LEU A 309 16.52 16.11 27.25
N GLY A 310 17.02 15.13 27.98
CA GLY A 310 16.34 14.73 29.21
C GLY A 310 16.27 15.88 30.20
N LYS A 311 17.35 16.66 30.32
CA LYS A 311 17.34 17.79 31.24
C LYS A 311 16.28 18.79 30.84
N ARG A 312 16.16 19.10 29.55
CA ARG A 312 15.19 20.08 29.10
C ARG A 312 13.76 19.59 29.34
N LEU A 313 13.50 18.30 29.10
CA LEU A 313 12.17 17.75 29.36
C LEU A 313 11.82 17.84 30.83
N GLU A 314 12.77 17.59 31.72
CA GLU A 314 12.47 17.72 33.15
C GLU A 314 12.08 19.15 33.52
N GLN A 315 12.68 20.15 32.85
CA GLN A 315 12.37 21.53 33.18
C GLN A 315 10.93 21.93 32.87
N LEU A 316 10.18 21.11 32.13
CA LEU A 316 8.75 21.36 31.96
C LEU A 316 7.98 21.21 33.25
N GLY A 317 8.53 20.50 34.24
CA GLY A 317 7.85 20.32 35.51
C GLY A 317 6.54 19.56 35.47
N LEU A 318 6.44 18.51 34.60
CA LEU A 318 5.21 17.77 34.46
C LEU A 318 5.37 16.31 34.88
N PRO A 319 4.28 15.66 35.33
CA PRO A 319 4.28 14.19 35.39
C PRO A 319 4.48 13.63 33.99
N THR A 320 5.46 12.74 33.84
CA THR A 320 5.97 12.40 32.51
C THR A 320 6.11 10.89 32.36
N VAL A 321 5.48 10.33 31.33
CA VAL A 321 5.70 8.94 30.93
C VAL A 321 6.52 8.95 29.66
N PHE A 322 7.61 8.17 29.64
CA PHE A 322 8.41 7.97 28.42
C PHE A 322 8.05 6.63 27.83
N THR A 323 7.64 6.61 26.56
CA THR A 323 7.45 5.34 25.87
C THR A 323 8.55 5.13 24.83
N MET A 324 9.14 3.92 24.81
CA MET A 324 10.22 3.66 23.87
C MET A 324 9.69 3.49 22.46
N GLU A 325 10.24 4.27 21.52
CA GLU A 325 9.87 4.08 20.11
C GLU A 325 11.03 3.47 19.33
N GLY A 326 11.60 4.21 18.36
CA GLY A 326 12.68 3.72 17.53
C GLY A 326 14.08 3.96 18.08
N GLY A 327 15.10 3.66 17.22
CA GLY A 327 16.52 3.65 17.56
C GLY A 327 17.12 2.33 17.08
N TYR A 328 17.97 2.35 16.04
CA TYR A 328 18.31 1.12 15.32
C TYR A 328 19.81 0.87 15.14
N ASP A 329 20.68 1.73 15.69
CA ASP A 329 22.07 1.35 15.94
C ASP A 329 22.06 0.61 17.27
N VAL A 330 22.02 -0.73 17.21
CA VAL A 330 21.75 -1.48 18.43
C VAL A 330 22.87 -1.27 19.45
N ASP A 331 24.09 -1.00 18.99
CA ASP A 331 25.18 -0.89 19.95
C ASP A 331 25.02 0.32 20.85
N ALA A 332 24.54 1.43 20.31
CA ALA A 332 24.46 2.68 21.06
C ALA A 332 23.09 2.96 21.65
N ILE A 333 22.09 2.12 21.35
CA ILE A 333 20.70 2.41 21.75
C ILE A 333 20.56 2.45 23.26
N GLY A 334 21.31 1.63 23.98
CA GLY A 334 21.19 1.64 25.43
C GLY A 334 21.76 2.92 26.04
N VAL A 335 22.98 3.26 25.67
CA VAL A 335 23.57 4.52 26.14
C VAL A 335 22.64 5.70 25.84
N ASN A 336 22.11 5.74 24.61
CA ASN A 336 21.37 6.93 24.19
C ASN A 336 20.01 7.05 24.88
N ALA A 337 19.28 5.93 24.98
CA ALA A 337 17.97 5.97 25.64
C ALA A 337 18.11 6.26 27.13
N VAL A 338 19.03 5.55 27.79
CA VAL A 338 19.17 5.76 29.23
C VAL A 338 19.73 7.15 29.53
N ASN A 339 20.52 7.72 28.60
CA ASN A 339 20.98 9.10 28.78
C ASN A 339 19.82 10.07 28.91
N VAL A 340 18.74 9.84 28.16
CA VAL A 340 17.59 10.72 28.30
C VAL A 340 17.04 10.64 29.71
N MET A 341 16.88 9.41 30.22
CA MET A 341 16.35 9.27 31.58
C MET A 341 17.31 9.84 32.62
N GLN A 342 18.62 9.62 32.43
CA GLN A 342 19.60 10.14 33.37
C GLN A 342 19.67 11.66 33.34
N GLY A 343 19.58 12.27 32.15
CA GLY A 343 19.51 13.73 32.09
C GLY A 343 18.26 14.27 32.75
N PHE A 344 17.14 13.57 32.57
CA PHE A 344 15.91 13.95 33.28
C PHE A 344 16.13 13.95 34.78
N GLU A 345 16.92 13.00 35.28
CA GLU A 345 17.20 12.88 36.70
C GLU A 345 18.39 13.72 37.15
N GLY A 346 18.96 14.53 36.25
CA GLY A 346 19.97 15.51 36.60
C GLY A 346 21.40 15.21 36.17
N LYS A 347 21.63 14.18 35.35
CA LYS A 347 22.99 13.87 34.94
C LYS A 347 23.46 14.84 33.87
N SER A 348 24.76 15.16 33.95
CA SER A 348 25.46 16.10 33.08
C SER A 348 24.92 17.50 33.23
N PRO B 2 -13.96 -21.93 -44.56
CA PRO B 2 -12.79 -21.26 -43.97
C PRO B 2 -13.17 -20.22 -42.92
N LEU B 3 -12.30 -20.01 -41.92
CA LEU B 3 -12.59 -18.98 -40.94
C LEU B 3 -12.34 -17.60 -41.54
N GLY B 4 -12.94 -16.59 -40.94
CA GLY B 4 -12.51 -15.23 -41.20
C GLY B 4 -11.09 -15.02 -40.70
N SER B 5 -10.49 -13.91 -41.11
CA SER B 5 -9.14 -13.58 -40.70
CA SER B 5 -9.13 -13.57 -40.71
C SER B 5 -9.16 -12.36 -39.79
N MET B 6 -8.25 -12.35 -38.82
CA MET B 6 -8.11 -11.24 -37.89
C MET B 6 -6.62 -10.95 -37.77
N LYS B 7 -6.25 -9.69 -37.91
CA LYS B 7 -4.87 -9.26 -37.76
C LYS B 7 -4.49 -9.15 -36.29
N THR B 8 -3.24 -9.47 -35.99
CA THR B 8 -2.67 -9.39 -34.64
C THR B 8 -1.53 -8.39 -34.65
N VAL B 9 -1.47 -7.56 -33.61
CA VAL B 9 -0.37 -6.63 -33.40
C VAL B 9 0.46 -7.15 -32.23
N PHE B 10 1.78 -7.21 -32.43
CA PHE B 10 2.68 -7.77 -31.43
C PHE B 10 3.99 -7.01 -31.52
N SER B 11 4.57 -6.71 -30.37
CA SER B 11 5.84 -6.03 -30.33
C SER B 11 6.87 -6.92 -29.66
N PRO B 12 8.02 -7.19 -30.29
CA PRO B 12 9.09 -7.90 -29.59
C PRO B 12 9.60 -7.13 -28.39
N LEU B 13 9.31 -5.84 -28.30
CA LEU B 13 9.80 -5.04 -27.18
C LEU B 13 9.15 -5.43 -25.86
N HIS B 14 8.12 -6.28 -25.87
CA HIS B 14 7.54 -6.71 -24.60
C HIS B 14 8.56 -7.41 -23.72
N SER B 15 9.52 -8.11 -24.32
CA SER B 15 10.49 -8.84 -23.51
C SER B 15 11.42 -7.93 -22.72
N ARG B 16 11.42 -6.62 -23.00
CA ARG B 16 12.13 -5.67 -22.14
C ARG B 16 11.59 -5.67 -20.71
N ARG B 17 10.32 -6.01 -20.53
CA ARG B 17 9.75 -6.22 -19.20
C ARG B 17 10.04 -7.66 -18.80
N HIS B 18 11.01 -7.85 -17.90
CA HIS B 18 11.37 -9.21 -17.54
C HIS B 18 11.88 -9.20 -16.10
N VAL B 19 10.98 -8.93 -15.17
CA VAL B 19 11.39 -8.79 -13.78
C VAL B 19 11.68 -10.16 -13.18
N LYS B 20 12.51 -10.15 -12.16
CA LYS B 20 12.94 -11.37 -11.51
C LYS B 20 12.11 -11.72 -10.29
N THR B 21 11.42 -10.74 -9.69
CA THR B 21 10.76 -10.94 -8.40
C THR B 21 9.33 -10.43 -8.39
N GLU B 22 8.49 -11.14 -7.63
CA GLU B 22 7.12 -10.75 -7.33
C GLU B 22 6.84 -11.09 -5.87
N LEU B 23 6.44 -10.10 -5.08
CA LEU B 23 5.98 -10.38 -3.72
C LEU B 23 4.71 -11.23 -3.77
N ASP B 24 4.73 -12.38 -3.08
CA ASP B 24 3.57 -13.26 -3.04
C ASP B 24 3.61 -14.07 -1.76
N GLY B 25 2.57 -13.94 -0.94
CA GLY B 25 2.49 -14.73 0.27
C GLY B 25 3.66 -14.52 1.22
N GLY B 26 4.19 -13.28 1.26
CA GLY B 26 5.33 -12.97 2.11
C GLY B 26 6.67 -13.41 1.59
N LEU B 27 6.75 -13.91 0.37
CA LEU B 27 8.01 -14.33 -0.23
C LEU B 27 8.21 -13.60 -1.56
N LEU B 28 9.44 -13.60 -2.05
CA LEU B 28 9.73 -13.12 -3.38
C LEU B 28 9.82 -14.33 -4.31
N ILE B 29 8.90 -14.42 -5.27
CA ILE B 29 8.77 -15.58 -6.14
C ILE B 29 9.00 -15.16 -7.58
N GLU B 30 9.12 -16.16 -8.45
CA GLU B 30 9.19 -15.90 -9.88
C GLU B 30 7.87 -15.29 -10.35
N PRO B 31 7.91 -14.21 -11.11
CA PRO B 31 6.67 -13.51 -11.46
C PRO B 31 5.75 -14.32 -12.36
N HIS B 32 4.44 -14.20 -12.10
CA HIS B 32 3.45 -14.83 -12.97
C HIS B 32 3.40 -14.20 -14.35
N GLU B 33 3.49 -12.87 -14.43
CA GLU B 33 3.31 -12.16 -15.70
C GLU B 33 4.64 -12.14 -16.45
N LYS B 34 4.96 -13.27 -17.10
CA LYS B 34 6.29 -13.52 -17.66
C LYS B 34 6.29 -13.46 -19.18
N PRO B 35 7.45 -13.21 -19.80
CA PRO B 35 7.48 -13.01 -21.26
C PRO B 35 6.97 -14.19 -22.06
N SER B 36 7.14 -15.42 -21.55
CA SER B 36 6.64 -16.58 -22.29
C SER B 36 5.13 -16.54 -22.50
N ARG B 37 4.37 -15.76 -21.72
CA ARG B 37 2.93 -15.62 -21.98
C ARG B 37 2.70 -15.08 -23.39
N ALA B 38 3.41 -14.02 -23.75
CA ALA B 38 3.19 -13.38 -25.05
C ALA B 38 3.74 -14.23 -26.18
N GLU B 39 4.86 -14.92 -25.93
CA GLU B 39 5.41 -15.80 -26.95
C GLU B 39 4.54 -17.03 -27.17
N THR B 40 3.88 -17.53 -26.13
CA THR B 40 3.00 -18.69 -26.31
C THR B 40 1.76 -18.30 -27.11
N ILE B 41 1.22 -17.11 -26.85
CA ILE B 41 0.07 -16.66 -27.64
C ILE B 41 0.47 -16.40 -29.08
N LEU B 42 1.62 -15.74 -29.30
CA LEU B 42 2.07 -15.48 -30.66
C LEU B 42 2.27 -16.78 -31.44
N ALA B 43 2.87 -17.79 -30.79
CA ALA B 43 3.09 -19.07 -31.46
C ALA B 43 1.79 -19.70 -31.94
N ARG B 44 0.72 -19.57 -31.14
CA ARG B 44 -0.57 -20.15 -31.51
C ARG B 44 -1.21 -19.35 -32.64
N VAL B 45 -1.09 -18.02 -32.59
CA VAL B 45 -1.55 -17.17 -33.69
C VAL B 45 -0.92 -17.61 -35.00
N LYS B 46 0.39 -17.88 -34.97
CA LYS B 46 1.09 -18.35 -36.17
C LYS B 46 0.64 -19.75 -36.55
N ASP B 47 0.58 -20.66 -35.58
CA ASP B 47 0.22 -22.05 -35.89
C ASP B 47 -1.19 -22.13 -36.49
N GLN B 48 -2.13 -21.35 -35.97
CA GLN B 48 -3.49 -21.35 -36.46
C GLN B 48 -3.71 -20.47 -37.69
N ALA B 49 -2.68 -19.75 -38.14
CA ALA B 49 -2.81 -18.81 -39.26
C ALA B 49 -4.02 -17.90 -39.08
N LEU B 50 -4.08 -17.23 -37.93
CA LEU B 50 -5.24 -16.40 -37.62
C LEU B 50 -5.37 -15.24 -38.61
N GLY B 51 -4.26 -14.68 -39.04
CA GLY B 51 -4.27 -13.51 -39.88
C GLY B 51 -2.89 -12.85 -39.84
N GLU B 52 -2.80 -11.69 -40.47
CA GLU B 52 -1.51 -11.01 -40.56
C GLU B 52 -1.02 -10.63 -39.17
N ILE B 53 0.30 -10.68 -38.98
CA ILE B 53 0.93 -10.26 -37.73
C ILE B 53 1.78 -9.03 -38.02
N LEU B 54 1.47 -7.93 -37.33
CA LEU B 54 2.08 -6.63 -37.58
C LEU B 54 2.78 -6.16 -36.31
N GLU B 55 3.85 -5.42 -36.50
CA GLU B 55 4.45 -4.68 -35.40
C GLU B 55 3.74 -3.35 -35.21
N PRO B 56 3.77 -2.76 -34.02
CA PRO B 56 3.01 -1.52 -33.81
C PRO B 56 3.66 -0.31 -34.45
N GLU B 57 2.84 0.70 -34.69
CA GLU B 57 3.34 2.04 -34.97
C GLU B 57 3.66 2.77 -33.66
N GLU B 58 4.55 3.76 -33.74
CA GLU B 58 4.86 4.61 -32.59
C GLU B 58 3.90 5.81 -32.59
N PHE B 59 3.06 5.90 -31.57
CA PHE B 59 2.11 7.00 -31.47
C PHE B 59 2.58 8.12 -30.54
N GLY B 60 3.61 7.89 -29.74
CA GLY B 60 4.02 8.89 -28.77
C GLY B 60 3.09 8.89 -27.57
N LEU B 61 3.33 9.84 -26.67
CA LEU B 61 2.67 9.85 -25.39
C LEU B 61 1.36 10.63 -25.40
N GLY B 62 1.04 11.33 -26.47
CA GLY B 62 -0.18 12.10 -26.54
C GLY B 62 -1.42 11.29 -26.21
N PRO B 63 -1.63 10.18 -26.94
CA PRO B 63 -2.81 9.33 -26.66
C PRO B 63 -2.75 8.66 -25.30
N VAL B 64 -1.55 8.46 -24.75
CA VAL B 64 -1.42 7.90 -23.41
C VAL B 64 -1.86 8.93 -22.37
N LYS B 65 -1.47 10.19 -22.58
CA LYS B 65 -1.85 11.25 -21.66
C LYS B 65 -3.29 11.71 -21.80
N ARG B 66 -4.04 11.21 -22.81
CA ARG B 66 -5.48 11.45 -22.82
C ARG B 66 -6.17 10.71 -21.69
N VAL B 67 -5.50 9.71 -21.12
CA VAL B 67 -6.06 8.88 -20.06
C VAL B 67 -5.23 8.97 -18.79
N HIS B 68 -3.91 9.05 -18.91
CA HIS B 68 -3.01 9.03 -17.76
C HIS B 68 -2.47 10.43 -17.47
N THR B 69 -2.22 10.71 -16.19
CA THR B 69 -1.77 12.05 -15.84
C THR B 69 -0.33 12.25 -16.25
N ALA B 70 0.02 13.51 -16.50
CA ALA B 70 1.39 13.83 -16.92
C ALA B 70 2.40 13.43 -15.84
N ASP B 71 2.08 13.65 -14.57
CA ASP B 71 3.04 13.34 -13.51
CA ASP B 71 3.05 13.34 -13.52
C ASP B 71 3.28 11.84 -13.41
N TYR B 72 2.22 11.04 -13.58
CA TYR B 72 2.36 9.59 -13.55
C TYR B 72 3.23 9.10 -14.71
N VAL B 73 3.00 9.62 -15.91
CA VAL B 73 3.80 9.22 -17.06
C VAL B 73 5.27 9.58 -16.88
N SER B 74 5.54 10.75 -16.29
CA SER B 74 6.91 11.14 -15.95
C SER B 74 7.51 10.17 -14.93
N PHE B 75 6.77 9.87 -13.87
CA PHE B 75 7.22 8.92 -12.86
C PHE B 75 7.64 7.60 -13.49
N LEU B 76 6.82 7.06 -14.40
CA LEU B 76 7.14 5.75 -14.92
C LEU B 76 8.43 5.79 -15.74
N GLU B 77 8.72 6.90 -16.39
CA GLU B 77 9.96 6.96 -17.16
C GLU B 77 11.19 6.99 -16.27
N THR B 78 11.13 7.71 -15.14
CA THR B 78 12.29 7.97 -14.31
C THR B 78 12.41 7.03 -13.10
N CYS B 79 11.36 6.26 -12.78
CA CYS B 79 11.33 5.49 -11.53
C CYS B 79 12.57 4.63 -11.36
N TRP B 80 12.91 3.83 -12.37
CA TRP B 80 14.00 2.89 -12.21
C TRP B 80 15.33 3.60 -12.01
N ASP B 81 15.59 4.64 -12.81
CA ASP B 81 16.81 5.44 -12.62
C ASP B 81 16.88 6.07 -11.22
N GLU B 82 15.77 6.63 -10.72
CA GLU B 82 15.78 7.19 -9.38
C GLU B 82 16.03 6.12 -8.31
N TRP B 83 15.40 4.96 -8.48
CA TRP B 83 15.57 3.87 -7.53
C TRP B 83 17.02 3.44 -7.43
N VAL B 84 17.66 3.20 -8.58
CA VAL B 84 19.05 2.77 -8.60
C VAL B 84 19.96 3.85 -8.03
N ALA B 85 19.69 5.12 -8.40
CA ALA B 85 20.47 6.25 -7.89
C ALA B 85 20.36 6.38 -6.37
N ALA B 86 19.21 6.02 -5.80
CA ALA B 86 19.01 6.04 -4.36
C ALA B 86 19.70 4.89 -3.64
N GLY B 87 20.34 3.97 -4.37
CA GLY B 87 21.11 2.90 -3.79
C GLY B 87 20.35 1.65 -3.41
N LYS B 88 19.10 1.50 -3.84
CA LYS B 88 18.38 0.27 -3.55
C LYS B 88 18.94 -0.87 -4.41
N ARG B 89 18.95 -2.07 -3.85
CA ARG B 89 19.60 -3.20 -4.48
C ARG B 89 18.64 -4.20 -5.10
N GLY B 90 17.37 -4.24 -4.68
CA GLY B 90 16.38 -5.11 -5.30
C GLY B 90 15.71 -4.44 -6.49
N GLU B 91 14.67 -5.10 -6.99
CA GLU B 91 13.85 -4.40 -7.97
C GLU B 91 13.01 -3.34 -7.26
N ALA B 92 12.42 -2.43 -8.04
CA ALA B 92 11.64 -1.35 -7.44
C ALA B 92 10.29 -1.91 -7.02
N ILE B 93 10.06 -1.97 -5.71
CA ILE B 93 8.82 -2.45 -5.09
C ILE B 93 8.42 -1.43 -4.04
N PRO B 94 7.16 -1.00 -3.97
CA PRO B 94 6.76 -0.07 -2.90
C PRO B 94 6.84 -0.71 -1.53
N THR B 95 7.26 0.08 -0.54
CA THR B 95 7.31 -0.34 0.85
C THR B 95 6.26 0.36 1.72
N PHE B 96 5.85 1.56 1.34
CA PHE B 96 4.91 2.38 2.12
C PHE B 96 3.94 3.02 1.16
N TRP B 97 2.74 3.37 1.65
CA TRP B 97 1.74 3.97 0.78
C TRP B 97 0.84 4.88 1.60
N VAL B 98 -0.13 5.50 0.91
CA VAL B 98 -1.07 6.41 1.57
C VAL B 98 -2.07 5.56 2.32
N GLY B 99 -1.82 5.35 3.61
CA GLY B 99 -2.74 4.59 4.43
C GLY B 99 -4.01 5.35 4.72
N ARG B 100 -5.04 4.62 5.15
CA ARG B 100 -6.29 5.28 5.52
C ARG B 100 -6.01 6.28 6.63
N GLY B 101 -6.43 7.51 6.41
CA GLY B 101 -6.18 8.57 7.35
C GLY B 101 -4.99 9.43 7.00
N MET B 102 -4.24 9.09 5.95
CA MET B 102 -3.09 9.88 5.50
C MET B 102 -3.48 10.76 4.30
N ARG B 103 -2.57 11.67 3.92
CA ARG B 103 -2.85 12.63 2.86
C ARG B 103 -2.47 12.10 1.49
N ALA B 104 -3.34 12.33 0.50
CA ALA B 104 -2.99 12.01 -0.89
C ALA B 104 -2.10 13.14 -1.44
N ARG B 105 -0.86 13.15 -0.98
CA ARG B 105 0.10 14.21 -1.30
C ARG B 105 1.36 13.60 -1.89
N LEU B 106 1.77 14.09 -3.06
CA LEU B 106 2.93 13.56 -3.76
C LEU B 106 4.21 14.04 -3.08
N PRO B 107 5.09 13.15 -2.62
CA PRO B 107 6.31 13.58 -1.94
C PRO B 107 7.48 13.60 -2.90
N LYS B 108 8.67 13.91 -2.41
CA LYS B 108 9.85 14.02 -3.26
C LYS B 108 10.62 12.72 -3.39
N ASP B 109 10.70 11.95 -2.32
CA ASP B 109 11.51 10.74 -2.27
C ASP B 109 10.93 9.64 -3.16
N ILE B 110 11.82 8.83 -3.74
CA ILE B 110 11.39 7.77 -4.66
C ILE B 110 10.55 6.70 -3.95
N ASP B 111 10.85 6.37 -2.69
CA ASP B 111 9.98 5.43 -1.99
C ASP B 111 8.59 6.03 -1.80
N GLY B 112 8.51 7.32 -1.50
CA GLY B 112 7.23 7.96 -1.35
C GLY B 112 6.46 8.02 -2.65
N ARG B 113 7.16 8.35 -3.75
CA ARG B 113 6.49 8.40 -5.05
C ARG B 113 6.03 7.00 -5.47
N LEU B 114 6.86 5.98 -5.24
CA LEU B 114 6.46 4.62 -5.55
C LEU B 114 5.16 4.25 -4.87
N GLY B 115 5.03 4.59 -3.58
CA GLY B 115 3.80 4.25 -2.86
C GLY B 115 2.61 5.07 -3.30
N TYR B 116 2.85 6.38 -3.53
CA TYR B 116 1.81 7.27 -4.01
C TYR B 116 1.17 6.76 -5.30
N TYR B 117 1.97 6.20 -6.21
CA TYR B 117 1.50 5.80 -7.53
C TYR B 117 1.14 4.32 -7.62
N SER B 118 1.05 3.58 -6.51
CA SER B 118 0.75 2.16 -6.61
C SER B 118 -0.46 1.74 -5.76
N LEU B 119 -0.99 0.57 -6.10
CA LEU B 119 -2.02 -0.08 -5.30
C LEU B 119 -1.58 -1.45 -4.80
N GLY B 120 -0.34 -1.87 -5.10
CA GLY B 120 0.13 -3.16 -4.67
C GLY B 120 1.63 -3.25 -4.78
N ALA B 121 2.18 -4.26 -4.11
CA ALA B 121 3.60 -4.51 -4.06
C ALA B 121 4.01 -5.73 -4.89
N ASP B 122 3.09 -6.30 -5.68
CA ASP B 122 3.42 -7.47 -6.47
C ASP B 122 3.89 -7.14 -7.89
N THR B 123 4.08 -5.86 -8.20
CA THR B 123 4.34 -5.39 -9.55
C THR B 123 5.70 -4.67 -9.59
N SER B 124 6.78 -5.45 -9.54
CA SER B 124 8.13 -4.89 -9.52
C SER B 124 8.41 -4.08 -10.79
N ILE B 125 9.19 -3.02 -10.65
CA ILE B 125 9.65 -2.22 -11.78
C ILE B 125 11.15 -2.43 -11.93
N SER B 126 11.62 -2.60 -13.17
CA SER B 126 13.06 -2.73 -13.40
C SER B 126 13.37 -2.11 -14.75
N ASP B 127 14.63 -2.23 -15.18
CA ASP B 127 15.00 -1.64 -16.46
C ASP B 127 14.18 -2.29 -17.57
N GLY B 128 13.70 -1.47 -18.50
CA GLY B 128 12.90 -1.95 -19.61
C GLY B 128 11.41 -1.92 -19.37
N THR B 129 10.98 -1.68 -18.13
CA THR B 129 9.54 -1.63 -17.86
C THR B 129 8.87 -0.46 -18.58
N TRP B 130 9.52 0.72 -18.55
CA TRP B 130 9.03 1.88 -19.29
C TRP B 130 8.91 1.57 -20.77
N GLU B 131 9.96 1.02 -21.35
CA GLU B 131 9.97 0.69 -22.77
C GLU B 131 8.87 -0.31 -23.12
N ALA B 132 8.71 -1.35 -22.30
CA ALA B 132 7.69 -2.37 -22.55
C ALA B 132 6.28 -1.81 -22.42
N ALA B 133 6.03 -0.99 -21.39
CA ALA B 133 4.71 -0.37 -21.22
C ALA B 133 4.39 0.57 -22.37
N ARG B 134 5.40 1.29 -22.86
CA ARG B 134 5.19 2.15 -24.01
C ARG B 134 4.80 1.35 -25.24
N ALA B 135 5.53 0.28 -25.50
CA ALA B 135 5.27 -0.54 -26.68
C ALA B 135 3.91 -1.20 -26.59
N SER B 136 3.55 -1.67 -25.39
CA SER B 136 2.24 -2.28 -25.20
C SER B 136 1.12 -1.29 -25.49
N ALA B 137 1.28 -0.04 -25.07
CA ALA B 137 0.24 0.94 -25.40
C ALA B 137 0.19 1.20 -26.91
N ASN B 138 1.35 1.20 -27.58
CA ASN B 138 1.35 1.34 -29.03
C ASN B 138 0.73 0.13 -29.71
N VAL B 139 0.83 -1.05 -29.10
CA VAL B 139 0.19 -2.22 -29.69
C VAL B 139 -1.32 -2.03 -29.66
N ALA B 140 -1.86 -1.54 -28.55
CA ALA B 140 -3.30 -1.32 -28.46
C ALA B 140 -3.75 -0.24 -29.44
N LEU B 141 -2.97 0.83 -29.56
CA LEU B 141 -3.31 1.91 -30.48
C LEU B 141 -3.21 1.48 -31.94
N THR B 142 -2.27 0.58 -32.26
CA THR B 142 -2.18 0.08 -33.63
C THR B 142 -3.38 -0.79 -33.97
N ALA B 143 -3.79 -1.64 -33.02
CA ALA B 143 -5.01 -2.40 -33.23
C ALA B 143 -6.20 -1.45 -33.40
N GLN B 144 -6.29 -0.39 -32.60
CA GLN B 144 -7.40 0.54 -32.75
C GLN B 144 -7.37 1.23 -34.12
N LYS B 145 -6.18 1.57 -34.60
CA LYS B 145 -6.08 2.21 -35.91
C LYS B 145 -6.52 1.26 -37.03
N LEU B 146 -6.14 -0.01 -36.91
CA LEU B 146 -6.57 -1.00 -37.90
C LEU B 146 -8.08 -1.06 -37.99
N VAL B 147 -8.74 -1.07 -36.83
CA VAL B 147 -10.21 -1.13 -36.84
C VAL B 147 -10.80 0.17 -37.38
N ALA B 148 -10.29 1.34 -36.94
CA ALA B 148 -10.83 2.60 -37.42
C ALA B 148 -10.62 2.77 -38.91
N GLU B 149 -9.65 2.08 -39.50
CA GLU B 149 -9.42 2.15 -40.94
C GLU B 149 -10.09 1.03 -41.72
N GLY B 150 -11.00 0.28 -41.09
CA GLY B 150 -11.84 -0.61 -41.84
C GLY B 150 -11.86 -2.08 -41.42
N GLU B 151 -10.92 -2.49 -40.57
CA GLU B 151 -10.95 -3.87 -40.08
C GLU B 151 -12.11 -4.06 -39.13
N ARG B 152 -12.77 -5.21 -39.23
CA ARG B 152 -13.86 -5.49 -38.28
C ARG B 152 -13.33 -5.59 -36.85
N ALA B 153 -12.19 -6.24 -36.68
CA ALA B 153 -11.62 -6.49 -35.36
C ALA B 153 -10.12 -6.60 -35.50
N ALA B 154 -9.42 -6.38 -34.38
CA ALA B 154 -7.98 -6.59 -34.32
C ALA B 154 -7.65 -7.08 -32.92
N PHE B 155 -6.59 -7.88 -32.83
CA PHE B 155 -6.12 -8.45 -31.57
C PHE B 155 -4.84 -7.73 -31.18
N ALA B 156 -4.90 -6.90 -30.13
CA ALA B 156 -3.71 -6.23 -29.60
C ALA B 156 -3.08 -7.17 -28.58
N LEU B 157 -1.95 -7.80 -28.96
CA LEU B 157 -1.31 -8.77 -28.07
C LEU B 157 -0.38 -8.02 -27.11
N CYS B 158 -1.02 -7.34 -26.16
CA CYS B 158 -0.35 -6.46 -25.20
C CYS B 158 0.35 -7.25 -24.11
N ARG B 159 1.56 -6.82 -23.77
CA ARG B 159 2.23 -7.24 -22.56
C ARG B 159 3.25 -6.14 -22.25
N PRO B 160 3.19 -5.50 -21.06
CA PRO B 160 2.28 -5.81 -19.93
C PRO B 160 0.80 -5.51 -20.14
N PRO B 161 -0.05 -6.17 -19.34
CA PRO B 161 -1.49 -5.90 -19.42
C PRO B 161 -1.78 -4.51 -18.91
N GLY B 162 -3.05 -4.05 -18.95
CA GLY B 162 -3.34 -2.69 -18.55
C GLY B 162 -4.58 -2.46 -17.70
N HIS B 163 -5.47 -3.43 -17.57
CA HIS B 163 -6.80 -3.02 -17.07
C HIS B 163 -6.82 -2.65 -15.58
N HIS B 164 -5.77 -2.93 -14.80
CA HIS B 164 -5.75 -2.52 -13.40
C HIS B 164 -5.16 -1.14 -13.17
N ALA B 165 -4.60 -0.51 -14.20
CA ALA B 165 -3.96 0.80 -14.03
C ALA B 165 -4.99 1.92 -14.10
N HIS B 166 -4.99 2.79 -13.08
CA HIS B 166 -5.78 4.03 -13.05
C HIS B 166 -5.07 5.14 -13.83
N ALA B 167 -5.69 6.32 -13.89
CA ALA B 167 -5.01 7.44 -14.54
C ALA B 167 -3.61 7.68 -13.97
N ASP B 168 -3.41 7.36 -12.67
CA ASP B 168 -2.12 7.63 -12.05
C ASP B 168 -1.79 6.60 -10.97
N VAL B 169 -2.19 5.35 -11.17
CA VAL B 169 -1.84 4.27 -10.25
C VAL B 169 -1.49 3.04 -11.08
N PHE B 170 -0.34 2.42 -10.79
CA PHE B 170 -0.01 1.12 -11.35
C PHE B 170 -0.22 0.02 -10.31
N GLY B 171 -0.41 -1.19 -10.81
CA GLY B 171 -0.57 -2.35 -9.96
C GLY B 171 -1.21 -3.48 -10.75
N GLY B 172 -1.32 -4.63 -10.10
CA GLY B 172 -1.91 -5.77 -10.79
C GLY B 172 -1.23 -6.11 -12.09
N TYR B 173 0.10 -5.93 -12.15
CA TYR B 173 0.97 -6.17 -13.30
C TYR B 173 0.79 -5.14 -14.42
N CYS B 174 0.05 -4.05 -14.18
CA CYS B 174 -0.38 -3.09 -15.20
C CYS B 174 0.20 -1.71 -14.99
N PHE B 175 0.54 -1.04 -16.10
CA PHE B 175 1.13 0.30 -16.03
C PHE B 175 0.36 1.33 -16.83
N PHE B 176 0.13 1.08 -18.11
CA PHE B 176 -0.74 1.93 -18.92
C PHE B 176 -2.00 1.15 -19.24
N ASN B 177 -3.14 1.79 -19.12
CA ASN B 177 -4.40 1.06 -19.33
C ASN B 177 -4.68 1.00 -20.83
N ASN B 178 -4.14 -0.05 -21.47
CA ASN B 178 -4.20 -0.20 -22.92
C ASN B 178 -5.64 -0.16 -23.42
N ALA B 179 -6.55 -0.84 -22.70
CA ALA B 179 -7.95 -0.84 -23.11
C ALA B 179 -8.55 0.57 -23.05
N ALA B 180 -8.27 1.32 -21.97
CA ALA B 180 -8.79 2.68 -21.87
C ALA B 180 -8.18 3.58 -22.92
N ILE B 181 -6.89 3.39 -23.23
CA ILE B 181 -6.22 4.21 -24.23
C ILE B 181 -6.86 3.98 -25.61
N ALA B 182 -7.17 2.72 -25.91
CA ALA B 182 -7.82 2.40 -27.18
C ALA B 182 -9.23 2.96 -27.24
N ALA B 183 -9.97 2.87 -26.13
CA ALA B 183 -11.31 3.45 -26.06
C ALA B 183 -11.29 4.95 -26.26
N GLN B 184 -10.36 5.63 -25.59
CA GLN B 184 -10.25 7.07 -25.71
C GLN B 184 -9.84 7.45 -27.12
N ALA B 185 -9.03 6.61 -27.78
CA ALA B 185 -8.66 6.87 -29.17
C ALA B 185 -9.88 6.82 -30.08
N PHE B 186 -10.76 5.83 -29.89
CA PHE B 186 -12.02 5.80 -30.62
C PHE B 186 -12.80 7.10 -30.44
N ARG B 187 -12.97 7.53 -29.18
CA ARG B 187 -13.72 8.76 -28.91
C ARG B 187 -13.07 9.97 -29.58
N ASP B 188 -11.75 10.07 -29.49
CA ASP B 188 -11.06 11.23 -30.03
C ASP B 188 -11.16 11.28 -31.54
N GLN B 189 -11.40 10.13 -32.17
CA GLN B 189 -11.55 10.00 -33.61
C GLN B 189 -13.00 10.15 -34.07
N GLY B 190 -13.92 10.47 -33.18
CA GLY B 190 -15.28 10.77 -33.57
C GLY B 190 -16.29 9.67 -33.31
N TYR B 191 -15.88 8.54 -32.76
CA TYR B 191 -16.87 7.55 -32.33
C TYR B 191 -17.58 8.08 -31.08
N GLY B 192 -18.89 8.28 -31.18
CA GLY B 192 -19.60 8.99 -30.12
C GLY B 192 -19.66 8.22 -28.81
N LYS B 193 -19.85 6.91 -28.87
CA LYS B 193 -20.01 6.07 -27.69
C LYS B 193 -19.12 4.84 -27.82
N VAL B 194 -18.42 4.49 -26.73
CA VAL B 194 -17.57 3.30 -26.71
C VAL B 194 -17.94 2.46 -25.49
N ALA B 195 -18.00 1.15 -25.66
CA ALA B 195 -18.15 0.23 -24.54
C ALA B 195 -16.82 -0.51 -24.30
N VAL B 196 -16.43 -0.65 -23.04
CA VAL B 196 -15.28 -1.48 -22.68
C VAL B 196 -15.79 -2.64 -21.85
N LEU B 197 -15.63 -3.86 -22.36
CA LEU B 197 -16.10 -5.08 -21.73
C LEU B 197 -14.88 -5.85 -21.22
N ASP B 198 -14.81 -6.04 -19.90
CA ASP B 198 -13.66 -6.69 -19.25
C ASP B 198 -14.04 -8.11 -18.86
N VAL B 199 -13.53 -9.09 -19.61
CA VAL B 199 -13.85 -10.50 -19.31
C VAL B 199 -12.72 -11.21 -18.58
N ASP B 200 -11.60 -10.52 -18.34
CA ASP B 200 -10.58 -11.00 -17.42
C ASP B 200 -11.22 -11.39 -16.09
N PHE B 201 -10.61 -12.40 -15.42
CA PHE B 201 -11.16 -12.87 -14.15
C PHE B 201 -11.20 -11.77 -13.09
N HIS B 202 -10.25 -10.85 -13.14
CA HIS B 202 -10.18 -9.79 -12.14
C HIS B 202 -10.94 -8.55 -12.61
N HIS B 203 -11.40 -7.77 -11.64
CA HIS B 203 -12.09 -6.52 -11.95
C HIS B 203 -11.18 -5.53 -12.67
N GLY B 204 -11.68 -4.94 -13.76
CA GLY B 204 -10.97 -3.86 -14.42
C GLY B 204 -11.09 -2.56 -13.63
N ASN B 205 -10.44 -2.48 -12.47
CA ASN B 205 -10.64 -1.34 -11.60
C ASN B 205 -10.07 -0.07 -12.23
N GLY B 206 -8.94 -0.18 -12.93
CA GLY B 206 -8.37 0.99 -13.55
C GLY B 206 -9.29 1.58 -14.60
N THR B 207 -9.84 0.73 -15.46
CA THR B 207 -10.78 1.18 -16.48
C THR B 207 -12.01 1.81 -15.85
N GLN B 208 -12.55 1.18 -14.79
CA GLN B 208 -13.70 1.76 -14.11
C GLN B 208 -13.39 3.15 -13.59
N ALA B 209 -12.24 3.28 -12.92
CA ALA B 209 -11.87 4.58 -12.35
C ALA B 209 -11.70 5.65 -13.43
N ILE B 210 -11.07 5.29 -14.54
CA ILE B 210 -10.75 6.28 -15.58
C ILE B 210 -12.01 6.89 -16.16
N PHE B 211 -13.06 6.08 -16.34
CA PHE B 211 -14.27 6.56 -16.98
C PHE B 211 -15.43 6.72 -16.01
N TYR B 212 -15.15 6.76 -14.70
CA TYR B 212 -16.22 6.57 -13.70
C TYR B 212 -17.26 7.68 -13.71
N ASP B 213 -16.86 8.92 -14.01
CA ASP B 213 -17.83 10.02 -14.07
C ASP B 213 -18.23 10.35 -15.50
N ARG B 214 -18.09 9.39 -16.42
CA ARG B 214 -18.39 9.66 -17.82
C ARG B 214 -19.44 8.68 -18.32
N SER B 215 -20.34 9.16 -19.19
CA SER B 215 -21.36 8.33 -19.82
C SER B 215 -21.05 8.04 -21.28
N ASP B 216 -20.03 8.66 -21.84
CA ASP B 216 -19.67 8.40 -23.22
C ASP B 216 -18.89 7.10 -23.36
N VAL B 217 -18.35 6.57 -22.28
CA VAL B 217 -17.66 5.29 -22.30
C VAL B 217 -18.32 4.40 -21.24
N LEU B 218 -19.00 3.37 -21.68
CA LEU B 218 -19.63 2.43 -20.78
C LEU B 218 -18.61 1.37 -20.38
N THR B 219 -18.42 1.18 -19.09
CA THR B 219 -17.48 0.17 -18.61
C THR B 219 -18.25 -0.97 -17.93
N ILE B 220 -17.92 -2.19 -18.31
CA ILE B 220 -18.55 -3.38 -17.76
C ILE B 220 -17.44 -4.37 -17.44
N SER B 221 -17.53 -5.00 -16.28
CA SER B 221 -16.56 -6.02 -15.93
C SER B 221 -17.29 -7.20 -15.31
N LEU B 222 -16.94 -8.40 -15.75
CA LEU B 222 -17.28 -9.64 -15.05
C LEU B 222 -16.04 -10.08 -14.30
N HIS B 223 -16.19 -10.51 -13.05
CA HIS B 223 -14.98 -10.85 -12.28
C HIS B 223 -15.30 -11.61 -11.00
N GLY B 224 -14.26 -12.16 -10.40
CA GLY B 224 -14.41 -12.77 -9.09
C GLY B 224 -14.73 -11.73 -8.03
N ASP B 225 -15.53 -12.15 -7.05
CA ASP B 225 -15.95 -11.29 -5.95
C ASP B 225 -14.76 -10.61 -5.25
N PRO B 226 -14.66 -9.26 -5.30
CA PRO B 226 -13.51 -8.60 -4.63
C PRO B 226 -13.52 -8.73 -3.11
N ASP B 227 -14.61 -9.18 -2.50
CA ASP B 227 -14.52 -9.56 -1.10
C ASP B 227 -13.46 -10.63 -0.89
N LEU B 228 -13.23 -11.44 -1.93
CA LEU B 228 -12.41 -12.63 -1.84
C LEU B 228 -11.10 -12.52 -2.61
N VAL B 229 -11.02 -11.67 -3.63
CA VAL B 229 -9.85 -11.65 -4.51
C VAL B 229 -9.49 -10.24 -4.92
N PHE B 230 -8.25 -10.11 -5.41
CA PHE B 230 -7.78 -8.87 -6.00
C PHE B 230 -8.78 -8.34 -7.02
N PRO B 231 -9.07 -7.03 -7.03
CA PRO B 231 -8.35 -5.96 -6.34
C PRO B 231 -8.93 -5.53 -4.98
N HIS B 232 -9.94 -6.26 -4.49
CA HIS B 232 -10.41 -6.15 -3.11
C HIS B 232 -11.20 -4.90 -2.77
N PHE B 233 -10.79 -3.73 -3.29
CA PHE B 233 -11.37 -2.47 -2.83
C PHE B 233 -12.14 -1.72 -3.90
N LEU B 234 -12.35 -2.34 -5.05
CA LEU B 234 -13.30 -1.88 -6.06
C LEU B 234 -13.81 -3.14 -6.75
N GLY B 235 -14.88 -2.97 -7.52
CA GLY B 235 -15.47 -4.06 -8.28
C GLY B 235 -16.80 -4.57 -7.75
N PHE B 236 -17.35 -3.92 -6.73
CA PHE B 236 -18.61 -4.38 -6.15
C PHE B 236 -19.79 -3.92 -7.00
N GLU B 237 -20.90 -4.64 -6.87
CA GLU B 237 -22.01 -4.37 -7.78
C GLU B 237 -22.70 -3.05 -7.48
N ASP B 238 -22.47 -2.45 -6.31
CA ASP B 238 -23.07 -1.15 -6.02
C ASP B 238 -22.31 0.01 -6.63
N GLU B 239 -21.21 -0.24 -7.34
CA GLU B 239 -20.44 0.80 -8.00
C GLU B 239 -20.99 1.01 -9.41
N THR B 240 -21.89 1.98 -9.56
CA THR B 240 -22.58 2.17 -10.84
C THR B 240 -22.17 3.44 -11.59
N GLY B 241 -21.18 4.16 -11.09
CA GLY B 241 -20.76 5.42 -11.70
C GLY B 241 -21.07 6.58 -10.79
N GLU B 242 -20.56 7.75 -11.16
CA GLU B 242 -20.82 8.94 -10.37
C GLU B 242 -21.05 10.13 -11.29
N GLY B 243 -21.76 11.11 -10.75
CA GLY B 243 -21.96 12.35 -11.47
C GLY B 243 -22.63 12.09 -12.80
N ASP B 244 -22.05 12.65 -13.85
CA ASP B 244 -22.63 12.44 -15.16
C ASP B 244 -22.38 11.02 -15.68
N GLY B 245 -21.65 10.17 -14.96
CA GLY B 245 -21.49 8.78 -15.32
C GLY B 245 -22.35 7.81 -14.56
N GLU B 246 -23.26 8.29 -13.71
CA GLU B 246 -24.13 7.40 -12.96
C GLU B 246 -24.96 6.54 -13.91
N ALA B 247 -24.91 5.23 -13.69
CA ALA B 247 -25.54 4.14 -14.47
C ALA B 247 -24.72 3.75 -15.69
N TYR B 248 -23.47 4.20 -15.82
CA TYR B 248 -22.62 3.85 -16.95
C TYR B 248 -21.39 3.05 -16.54
N ASN B 249 -21.48 2.39 -15.38
CA ASN B 249 -20.53 1.37 -14.96
C ASN B 249 -21.32 0.19 -14.42
N LEU B 250 -20.92 -1.02 -14.82
CA LEU B 250 -21.65 -2.22 -14.44
C LEU B 250 -20.65 -3.30 -14.03
N ASN B 251 -20.71 -3.71 -12.76
CA ASN B 251 -19.87 -4.78 -12.23
C ASN B 251 -20.74 -6.03 -12.02
N ILE B 252 -20.27 -7.16 -12.52
CA ILE B 252 -21.00 -8.43 -12.41
C ILE B 252 -20.07 -9.40 -11.70
N VAL B 253 -20.46 -9.82 -10.50
CA VAL B 253 -19.57 -10.50 -9.57
C VAL B 253 -19.97 -11.96 -9.47
N PHE B 254 -18.98 -12.86 -9.41
CA PHE B 254 -19.24 -14.29 -9.27
C PHE B 254 -18.42 -14.89 -8.14
N PRO B 255 -18.92 -15.97 -7.53
CA PRO B 255 -18.23 -16.58 -6.41
C PRO B 255 -17.28 -17.68 -6.86
N PRO B 256 -16.57 -18.31 -5.92
CA PRO B 256 -15.63 -19.38 -6.28
C PRO B 256 -16.28 -20.51 -7.07
N ASP B 257 -15.49 -21.08 -7.98
CA ASP B 257 -15.84 -22.30 -8.73
C ASP B 257 -16.93 -22.06 -9.76
N THR B 258 -17.13 -20.81 -10.17
CA THR B 258 -18.17 -20.48 -11.15
C THR B 258 -17.84 -21.06 -12.53
N PRO B 259 -18.74 -21.83 -13.12
CA PRO B 259 -18.50 -22.42 -14.44
C PRO B 259 -19.07 -21.53 -15.54
N PHE B 260 -18.77 -21.91 -16.78
CA PHE B 260 -19.24 -21.12 -17.91
C PHE B 260 -20.75 -21.05 -17.95
N SER B 261 -21.45 -22.09 -17.50
CA SER B 261 -22.90 -22.10 -17.57
C SER B 261 -23.52 -20.99 -16.73
N ILE B 262 -22.80 -20.48 -15.74
CA ILE B 262 -23.28 -19.38 -14.93
C ILE B 262 -22.61 -18.07 -15.34
N TRP B 263 -21.30 -18.10 -15.59
CA TRP B 263 -20.60 -16.93 -16.09
C TRP B 263 -21.26 -16.36 -17.34
N SER B 264 -21.70 -17.24 -18.26
CA SER B 264 -22.31 -16.78 -19.51
C SER B 264 -23.65 -16.09 -19.28
N GLN B 265 -24.33 -16.37 -18.17
CA GLN B 265 -25.50 -15.58 -17.81
C GLN B 265 -25.09 -14.14 -17.52
N GLY B 266 -23.96 -13.96 -16.85
CA GLY B 266 -23.45 -12.60 -16.67
C GLY B 266 -23.07 -11.96 -18.00
N LEU B 267 -22.50 -12.75 -18.90
CA LEU B 267 -22.13 -12.21 -20.20
C LEU B 267 -23.36 -11.77 -20.98
N GLU B 268 -24.47 -12.52 -20.84
CA GLU B 268 -25.70 -12.08 -21.51
C GLU B 268 -26.22 -10.78 -20.92
N LYS B 269 -26.10 -10.62 -19.59
CA LYS B 269 -26.48 -9.36 -18.96
C LYS B 269 -25.64 -8.21 -19.50
N ALA B 270 -24.33 -8.43 -19.61
CA ALA B 270 -23.47 -7.38 -20.15
C ALA B 270 -23.84 -7.06 -21.60
N CYS B 271 -24.15 -8.09 -22.38
CA CYS B 271 -24.51 -7.90 -23.78
C CYS B 271 -25.81 -7.11 -23.91
N GLU B 272 -26.75 -7.34 -23.00
CA GLU B 272 -27.98 -6.55 -23.01
C GLU B 272 -27.70 -5.10 -22.65
N ARG B 273 -26.79 -4.86 -21.69
CA ARG B 273 -26.45 -3.48 -21.35
C ARG B 273 -25.78 -2.78 -22.53
N ILE B 274 -24.91 -3.50 -23.25
CA ILE B 274 -24.28 -2.93 -24.43
C ILE B 274 -25.33 -2.62 -25.49
N ARG B 275 -26.33 -3.49 -25.64
CA ARG B 275 -27.38 -3.27 -26.63
C ARG B 275 -28.15 -1.98 -26.36
N THR B 276 -28.55 -1.77 -25.12
CA THR B 276 -29.29 -0.56 -24.81
C THR B 276 -28.40 0.67 -24.91
N PHE B 277 -27.10 0.52 -24.63
CA PHE B 277 -26.19 1.65 -24.74
C PHE B 277 -25.94 2.03 -26.20
N ALA B 278 -25.97 1.05 -27.10
CA ALA B 278 -25.79 1.23 -28.54
C ALA B 278 -24.49 1.97 -28.84
N PRO B 279 -23.33 1.36 -28.55
CA PRO B 279 -22.05 2.05 -28.78
C PRO B 279 -21.64 2.03 -30.25
N ASP B 280 -20.67 2.88 -30.58
CA ASP B 280 -20.10 2.89 -31.93
C ASP B 280 -18.88 2.00 -32.06
N ALA B 281 -18.29 1.59 -30.94
CA ALA B 281 -17.15 0.70 -30.96
C ALA B 281 -17.09 -0.06 -29.63
N LEU B 282 -16.39 -1.18 -29.66
CA LEU B 282 -16.26 -2.06 -28.52
C LEU B 282 -14.79 -2.35 -28.28
N VAL B 283 -14.32 -2.16 -27.05
CA VAL B 283 -13.02 -2.68 -26.63
C VAL B 283 -13.29 -3.83 -25.66
N VAL B 284 -12.65 -4.96 -25.88
CA VAL B 284 -12.79 -6.12 -25.00
C VAL B 284 -11.45 -6.30 -24.30
N ALA B 285 -11.45 -6.11 -22.99
CA ALA B 285 -10.25 -6.38 -22.21
C ALA B 285 -10.25 -7.88 -21.94
N LEU B 286 -9.45 -8.62 -22.69
CA LEU B 286 -9.52 -10.07 -22.74
C LEU B 286 -8.46 -10.69 -21.85
N GLY B 287 -8.89 -11.33 -20.77
CA GLY B 287 -8.03 -12.21 -19.99
C GLY B 287 -8.62 -13.60 -20.02
N VAL B 288 -7.74 -14.60 -20.11
CA VAL B 288 -8.16 -15.98 -20.04
C VAL B 288 -7.73 -16.61 -18.72
N ASP B 289 -7.51 -15.79 -17.68
CA ASP B 289 -7.35 -16.35 -16.35
C ASP B 289 -8.70 -16.76 -15.74
N THR B 290 -9.78 -16.72 -16.52
CA THR B 290 -11.03 -17.37 -16.13
C THR B 290 -10.95 -18.88 -16.28
N PHE B 291 -9.82 -19.38 -16.78
CA PHE B 291 -9.64 -20.78 -17.14
C PHE B 291 -9.55 -21.67 -15.90
N GLU B 292 -10.13 -22.88 -16.01
CA GLU B 292 -10.18 -23.78 -14.86
C GLU B 292 -8.82 -24.06 -14.24
N GLU B 293 -7.73 -24.01 -15.02
CA GLU B 293 -6.41 -24.34 -14.51
C GLU B 293 -5.59 -23.12 -14.09
N ASP B 294 -6.14 -21.93 -14.17
CA ASP B 294 -5.33 -20.75 -13.87
C ASP B 294 -4.97 -20.72 -12.39
N PRO B 295 -3.70 -20.51 -12.04
CA PRO B 295 -3.32 -20.49 -10.62
C PRO B 295 -3.76 -19.24 -9.87
N ILE B 296 -4.14 -18.17 -10.53
CA ILE B 296 -4.45 -16.91 -9.85
C ILE B 296 -5.95 -16.66 -9.82
N SER B 297 -6.76 -17.68 -10.05
CA SER B 297 -8.17 -17.41 -10.28
C SER B 297 -8.99 -18.58 -9.78
N PHE B 298 -10.31 -18.37 -9.64
CA PHE B 298 -11.13 -19.48 -9.18
C PHE B 298 -12.38 -19.74 -10.02
N PHE B 299 -12.39 -19.35 -11.30
CA PHE B 299 -13.47 -19.75 -12.21
C PHE B 299 -13.11 -21.06 -12.93
N LYS B 300 -14.09 -21.61 -13.66
CA LYS B 300 -13.91 -22.94 -14.24
C LYS B 300 -14.26 -22.96 -15.72
N LEU B 301 -13.80 -21.98 -16.50
CA LEU B 301 -14.03 -22.04 -17.93
C LEU B 301 -13.11 -23.09 -18.59
N THR B 302 -13.59 -23.70 -19.67
CA THR B 302 -12.81 -24.67 -20.44
C THR B 302 -12.32 -24.04 -21.74
N SER B 303 -11.32 -24.69 -22.36
CA SER B 303 -10.80 -24.14 -23.61
C SER B 303 -11.90 -23.92 -24.63
N GLY B 304 -12.84 -24.87 -24.74
CA GLY B 304 -13.92 -24.72 -25.70
C GLY B 304 -14.86 -23.56 -25.41
N ASP B 305 -15.00 -23.18 -24.14
CA ASP B 305 -15.83 -22.03 -23.78
C ASP B 305 -15.30 -20.73 -24.40
N TYR B 306 -13.99 -20.63 -24.67
CA TYR B 306 -13.51 -19.39 -25.28
C TYR B 306 -13.97 -19.27 -26.73
N LEU B 307 -14.16 -20.39 -27.43
CA LEU B 307 -14.77 -20.32 -28.75
C LEU B 307 -16.18 -19.75 -28.64
N LYS B 308 -16.93 -20.18 -27.63
CA LYS B 308 -18.30 -19.67 -27.47
C LYS B 308 -18.30 -18.19 -27.11
N LEU B 309 -17.37 -17.76 -26.24
CA LEU B 309 -17.25 -16.35 -25.90
C LEU B 309 -17.00 -15.52 -27.16
N GLY B 310 -16.02 -15.92 -27.97
CA GLY B 310 -15.72 -15.16 -29.16
C GLY B 310 -16.90 -15.09 -30.12
N LYS B 311 -17.64 -16.19 -30.23
CA LYS B 311 -18.81 -16.19 -31.11
C LYS B 311 -19.84 -15.18 -30.62
N ARG B 312 -20.15 -15.20 -29.33
CA ARG B 312 -21.13 -14.29 -28.76
C ARG B 312 -20.72 -12.83 -28.92
N LEU B 313 -19.43 -12.54 -28.71
CA LEU B 313 -18.98 -11.16 -28.87
C LEU B 313 -19.13 -10.68 -30.31
N GLU B 314 -18.87 -11.57 -31.28
CA GLU B 314 -19.08 -11.20 -32.67
C GLU B 314 -20.53 -10.87 -32.94
N GLN B 315 -21.47 -11.54 -32.25
CA GLN B 315 -22.88 -11.29 -32.53
C GLN B 315 -23.33 -9.90 -32.08
N LEU B 316 -22.52 -9.18 -31.29
CA LEU B 316 -22.84 -7.79 -31.00
C LEU B 316 -22.75 -6.90 -32.23
N GLY B 317 -22.03 -7.33 -33.26
CA GLY B 317 -22.00 -6.54 -34.49
C GLY B 317 -21.29 -5.21 -34.38
N LEU B 318 -20.18 -5.16 -33.63
CA LEU B 318 -19.49 -3.90 -33.38
C LEU B 318 -18.06 -3.94 -33.89
N PRO B 319 -17.50 -2.82 -34.33
CA PRO B 319 -16.05 -2.74 -34.48
C PRO B 319 -15.43 -3.04 -33.13
N THR B 320 -14.45 -3.94 -33.11
CA THR B 320 -13.99 -4.53 -31.85
C THR B 320 -12.47 -4.58 -31.80
N VAL B 321 -11.91 -4.02 -30.73
CA VAL B 321 -10.50 -4.20 -30.43
C VAL B 321 -10.40 -5.12 -29.22
N PHE B 322 -9.63 -6.19 -29.33
CA PHE B 322 -9.33 -7.06 -28.20
C PHE B 322 -7.96 -6.67 -27.65
N THR B 323 -7.88 -6.38 -26.35
CA THR B 323 -6.59 -6.16 -25.70
C THR B 323 -6.28 -7.31 -24.76
N MET B 324 -5.06 -7.84 -24.85
CA MET B 324 -4.68 -8.95 -24.00
C MET B 324 -4.44 -8.49 -22.56
N GLU B 325 -5.11 -9.15 -21.61
CA GLU B 325 -4.90 -8.84 -20.20
C GLU B 325 -4.21 -10.03 -19.55
N GLY B 326 -4.84 -10.66 -18.56
CA GLY B 326 -4.24 -11.76 -17.82
C GLY B 326 -4.42 -13.13 -18.46
N GLY B 327 -4.00 -14.17 -17.74
CA GLY B 327 -3.91 -15.55 -18.21
C GLY B 327 -2.54 -16.14 -17.85
N TYR B 328 -2.48 -17.07 -16.89
CA TYR B 328 -1.23 -17.38 -16.21
C TYR B 328 -0.90 -18.87 -16.15
N ASP B 329 -1.76 -19.72 -16.69
CA ASP B 329 -1.39 -21.08 -17.09
C ASP B 329 -0.79 -20.99 -18.49
N VAL B 330 0.54 -20.81 -18.56
CA VAL B 330 1.18 -20.50 -19.83
C VAL B 330 0.96 -21.64 -20.83
N ASP B 331 0.67 -22.86 -20.36
CA ASP B 331 0.50 -23.97 -21.28
C ASP B 331 -0.67 -23.76 -22.22
N ALA B 332 -1.84 -23.40 -21.67
CA ALA B 332 -3.04 -23.29 -22.47
C ALA B 332 -3.39 -21.86 -22.85
N ILE B 333 -2.58 -20.88 -22.43
CA ILE B 333 -2.93 -19.49 -22.68
C ILE B 333 -3.02 -19.18 -24.18
N GLY B 334 -2.16 -19.81 -24.98
CA GLY B 334 -2.25 -19.61 -26.43
C GLY B 334 -3.53 -20.17 -27.01
N VAL B 335 -3.87 -21.42 -26.67
CA VAL B 335 -5.11 -22.02 -27.17
C VAL B 335 -6.31 -21.18 -26.74
N ASN B 336 -6.35 -20.79 -25.47
CA ASN B 336 -7.53 -20.12 -24.93
C ASN B 336 -7.72 -18.73 -25.55
N ALA B 337 -6.66 -17.93 -25.62
CA ALA B 337 -6.80 -16.59 -26.17
C ALA B 337 -7.14 -16.63 -27.66
N VAL B 338 -6.45 -17.48 -28.42
CA VAL B 338 -6.68 -17.51 -29.86
C VAL B 338 -8.05 -18.13 -30.16
N ASN B 339 -8.55 -19.00 -29.27
CA ASN B 339 -9.91 -19.52 -29.42
C ASN B 339 -10.93 -18.41 -29.40
N VAL B 340 -10.72 -17.38 -28.59
CA VAL B 340 -11.65 -16.26 -28.63
C VAL B 340 -11.64 -15.60 -30.01
N MET B 341 -10.44 -15.37 -30.57
CA MET B 341 -10.39 -14.74 -31.89
C MET B 341 -10.97 -15.65 -32.96
N GLN B 342 -10.67 -16.96 -32.87
CA GLN B 342 -11.16 -17.91 -33.87
C GLN B 342 -12.68 -18.09 -33.76
N GLY B 343 -13.20 -18.13 -32.52
CA GLY B 343 -14.65 -18.16 -32.36
C GLY B 343 -15.33 -16.91 -32.90
N PHE B 344 -14.68 -15.75 -32.72
CA PHE B 344 -15.17 -14.51 -33.31
C PHE B 344 -15.18 -14.60 -34.83
N GLU B 345 -14.20 -15.29 -35.41
CA GLU B 345 -14.12 -15.49 -36.84
C GLU B 345 -14.87 -16.72 -37.32
N GLY B 346 -15.68 -17.35 -36.47
CA GLY B 346 -16.59 -18.41 -36.88
C GLY B 346 -16.18 -19.83 -36.58
N LYS B 347 -15.12 -20.06 -35.81
CA LYS B 347 -14.67 -21.43 -35.56
C LYS B 347 -15.58 -22.10 -34.55
N SER B 348 -16.13 -23.26 -34.94
CA SER B 348 -16.92 -24.18 -34.11
C SER B 348 -17.71 -23.55 -32.99
#